data_5ICW
#
_entry.id   5ICW
#
_cell.length_a   63.840
_cell.length_b   84.298
_cell.length_c   68.485
_cell.angle_alpha   90.00
_cell.angle_beta   91.10
_cell.angle_gamma   90.00
#
_symmetry.space_group_name_H-M   'P 1 21 1'
#
loop_
_entity.id
_entity.type
_entity.pdbx_description
1 polymer 'N-alpha-acetyltransferase 60'
2 non-polymer 'COENZYME A'
3 non-polymer 'CHLORIDE ION'
4 water water
#
_entity_poly.entity_id   1
_entity_poly.type   'polypeptide(L)'
_entity_poly.pdbx_seq_one_letter_code
;EVVPSSALSEVSLRLLCHDDIDTVKHLCGDWFPIEYPDSWYRDITSNKKFFSLAATYRGAIVGMIVAEIKNRTKIHKEDG
DILASNFSVDTQVAYILSLGVVKEFRKHGIGSLLLESLKDHISTTAQDHCKAIYLHVLTTNNTAINFYENRDFKQHHYLP
YYYSIRGVLKDGFTYVLYINGG
;
_entity_poly.pdbx_strand_id   A,B,C,D
#
loop_
_chem_comp.id
_chem_comp.type
_chem_comp.name
_chem_comp.formula
CL non-polymer 'CHLORIDE ION' 'Cl -1'
COA non-polymer 'COENZYME A' 'C21 H36 N7 O16 P3 S'
#
# COMPACT_ATOMS: atom_id res chain seq x y z
N VAL A 3 3.36 -39.56 -6.76
CA VAL A 3 3.70 -38.95 -8.04
C VAL A 3 5.10 -39.37 -8.50
N PRO A 4 5.17 -40.04 -9.66
CA PRO A 4 6.40 -40.62 -10.19
C PRO A 4 7.48 -39.59 -10.48
N SER A 5 8.72 -39.99 -10.26
CA SER A 5 9.89 -39.16 -10.52
C SER A 5 9.94 -38.65 -11.96
N SER A 6 9.29 -39.38 -12.88
CA SER A 6 9.31 -39.01 -14.30
C SER A 6 8.12 -38.15 -14.74
N ALA A 7 7.35 -37.65 -13.77
CA ALA A 7 6.14 -36.88 -14.05
C ALA A 7 6.43 -35.73 -15.00
N LEU A 8 7.58 -35.09 -14.80
CA LEU A 8 7.99 -33.92 -15.58
C LEU A 8 8.03 -34.17 -17.10
N SER A 9 8.49 -35.36 -17.50
CA SER A 9 8.62 -35.65 -18.93
C SER A 9 7.26 -35.68 -19.63
N GLU A 10 6.20 -35.86 -18.86
CA GLU A 10 4.85 -35.93 -19.40
C GLU A 10 4.00 -34.69 -19.09
N VAL A 11 4.65 -33.60 -18.72
CA VAL A 11 3.95 -32.36 -18.42
C VAL A 11 3.80 -31.52 -19.69
N SER A 12 2.60 -30.99 -19.91
CA SER A 12 2.38 -30.12 -21.06
C SER A 12 2.19 -28.68 -20.59
N LEU A 13 2.29 -27.73 -21.51
CA LEU A 13 2.09 -26.32 -21.18
C LEU A 13 1.02 -25.77 -22.10
N ARG A 14 0.13 -24.95 -21.55
CA ARG A 14 -0.89 -24.28 -22.36
C ARG A 14 -1.41 -23.02 -21.70
N LEU A 15 -1.93 -22.12 -22.52
CA LEU A 15 -2.58 -20.94 -22.00
C LEU A 15 -3.77 -21.34 -21.16
N LEU A 16 -4.02 -20.58 -20.10
CA LEU A 16 -5.24 -20.71 -19.35
C LEU A 16 -6.39 -20.28 -20.25
N CYS A 17 -7.59 -20.82 -20.02
CA CYS A 17 -8.79 -20.32 -20.71
C CYS A 17 -9.95 -20.21 -19.73
N HIS A 18 -11.07 -19.68 -20.20
N HIS A 18 -11.09 -19.70 -20.21
CA HIS A 18 -12.23 -19.41 -19.36
CA HIS A 18 -12.22 -19.44 -19.33
C HIS A 18 -12.75 -20.67 -18.66
C HIS A 18 -12.70 -20.69 -18.62
N ASP A 19 -12.60 -21.83 -19.29
CA ASP A 19 -13.01 -23.09 -18.67
C ASP A 19 -12.17 -23.47 -17.43
N ASP A 20 -11.01 -22.84 -17.27
CA ASP A 20 -10.11 -23.15 -16.15
C ASP A 20 -10.44 -22.42 -14.85
N ILE A 21 -11.31 -21.43 -14.93
CA ILE A 21 -11.53 -20.51 -13.81
C ILE A 21 -11.85 -21.21 -12.49
N ASP A 22 -12.76 -22.19 -12.52
CA ASP A 22 -13.14 -22.91 -11.31
C ASP A 22 -11.95 -23.59 -10.69
N THR A 23 -11.17 -24.23 -11.54
CA THR A 23 -9.97 -24.91 -11.08
C THR A 23 -8.94 -23.92 -10.55
N VAL A 24 -8.72 -22.84 -11.30
CA VAL A 24 -7.75 -21.83 -10.88
C VAL A 24 -8.13 -21.24 -9.52
N LYS A 25 -9.39 -20.82 -9.40
CA LYS A 25 -9.90 -20.32 -8.12
C LYS A 25 -9.63 -21.30 -6.99
N HIS A 26 -9.90 -22.57 -7.23
CA HIS A 26 -9.74 -23.55 -6.17
C HIS A 26 -8.25 -23.65 -5.78
N LEU A 27 -7.37 -23.71 -6.77
CA LEU A 27 -5.92 -23.80 -6.52
C LEU A 27 -5.37 -22.54 -5.83
N CYS A 28 -5.80 -21.37 -6.28
CA CYS A 28 -5.37 -20.13 -5.65
C CYS A 28 -5.88 -20.02 -4.21
N GLY A 29 -7.04 -20.59 -3.94
CA GLY A 29 -7.56 -20.62 -2.58
C GLY A 29 -6.67 -21.43 -1.67
N ASP A 30 -6.03 -22.46 -2.23
CA ASP A 30 -5.14 -23.32 -1.47
C ASP A 30 -3.75 -22.75 -1.28
N TRP A 31 -3.27 -22.00 -2.28
CA TRP A 31 -1.89 -21.55 -2.26
C TRP A 31 -1.69 -20.19 -1.58
N PHE A 32 -2.67 -19.30 -1.67
CA PHE A 32 -2.49 -17.92 -1.22
C PHE A 32 -3.60 -17.45 -0.29
N PRO A 33 -3.23 -16.82 0.82
CA PRO A 33 -4.24 -16.36 1.77
C PRO A 33 -5.05 -15.15 1.27
N ILE A 34 -4.54 -14.44 0.28
CA ILE A 34 -5.22 -13.24 -0.20
C ILE A 34 -6.22 -13.59 -1.28
N GLU A 35 -7.47 -13.18 -1.08
CA GLU A 35 -8.51 -13.43 -2.07
C GLU A 35 -8.71 -12.22 -2.97
N TYR A 36 -8.44 -12.43 -4.26
CA TYR A 36 -8.60 -11.38 -5.27
C TYR A 36 -10.05 -11.41 -5.77
N PRO A 37 -10.54 -10.28 -6.29
CA PRO A 37 -11.93 -10.26 -6.75
C PRO A 37 -12.15 -11.19 -7.94
N ASP A 38 -13.41 -11.56 -8.18
CA ASP A 38 -13.75 -12.49 -9.25
C ASP A 38 -13.20 -12.06 -10.59
N SER A 39 -13.13 -10.75 -10.83
CA SER A 39 -12.71 -10.24 -12.13
C SER A 39 -11.23 -10.52 -12.39
N TRP A 40 -10.44 -10.67 -11.32
CA TRP A 40 -9.03 -11.03 -11.47
C TRP A 40 -8.91 -12.39 -12.15
N TYR A 41 -9.70 -13.36 -11.69
CA TYR A 41 -9.68 -14.68 -12.27
C TYR A 41 -10.09 -14.70 -13.73
N ARG A 42 -11.09 -13.89 -14.07
CA ARG A 42 -11.50 -13.71 -15.44
C ARG A 42 -10.36 -13.12 -16.27
N ASP A 43 -9.70 -12.11 -15.70
CA ASP A 43 -8.61 -11.41 -16.37
C ASP A 43 -7.47 -12.36 -16.76
N ILE A 44 -7.01 -13.15 -15.81
CA ILE A 44 -5.83 -14.00 -16.00
C ILE A 44 -6.16 -15.18 -16.92
N THR A 45 -7.45 -15.47 -17.09
CA THR A 45 -7.87 -16.56 -17.98
C THR A 45 -8.26 -16.04 -19.35
N SER A 46 -8.13 -14.74 -19.55
CA SER A 46 -8.70 -14.10 -20.74
C SER A 46 -7.68 -13.90 -21.84
N ASN A 47 -6.39 -14.00 -21.49
CA ASN A 47 -5.26 -13.83 -22.42
C ASN A 47 -5.08 -12.42 -22.96
N LYS A 48 -5.76 -11.45 -22.34
CA LYS A 48 -5.65 -10.06 -22.75
C LYS A 48 -4.50 -9.35 -22.04
N LYS A 49 -4.72 -8.97 -20.78
CA LYS A 49 -3.72 -8.23 -20.00
C LYS A 49 -2.56 -9.03 -19.43
N PHE A 50 -2.77 -10.32 -19.17
CA PHE A 50 -1.74 -11.16 -18.57
C PHE A 50 -1.21 -12.25 -19.49
N PHE A 51 0.05 -12.64 -19.27
CA PHE A 51 0.62 -13.88 -19.77
C PHE A 51 0.48 -14.96 -18.69
N SER A 52 -0.44 -15.89 -18.93
CA SER A 52 -0.75 -16.96 -17.97
C SER A 52 -0.58 -18.33 -18.59
N LEU A 53 0.37 -19.09 -18.09
CA LEU A 53 0.66 -20.41 -18.63
C LEU A 53 0.33 -21.49 -17.60
N ALA A 54 -0.34 -22.56 -18.02
CA ALA A 54 -0.57 -23.67 -17.12
C ALA A 54 0.32 -24.86 -17.47
N ALA A 55 0.71 -25.59 -16.43
CA ALA A 55 1.34 -26.87 -16.61
C ALA A 55 0.29 -27.92 -16.36
N THR A 56 0.14 -28.88 -17.27
CA THR A 56 -0.83 -29.93 -17.06
C THR A 56 -0.19 -31.30 -17.06
N TYR A 57 -0.81 -32.21 -16.31
CA TYR A 57 -0.38 -33.60 -16.25
C TYR A 57 -1.61 -34.48 -16.39
N ARG A 58 -1.65 -35.31 -17.43
CA ARG A 58 -2.82 -36.13 -17.71
C ARG A 58 -4.10 -35.32 -17.75
N GLY A 59 -4.03 -34.14 -18.39
CA GLY A 59 -5.18 -33.28 -18.55
C GLY A 59 -5.54 -32.35 -17.41
N ALA A 60 -4.96 -32.57 -16.24
CA ALA A 60 -5.25 -31.74 -15.07
C ALA A 60 -4.16 -30.68 -14.83
N ILE A 61 -4.57 -29.47 -14.49
CA ILE A 61 -3.61 -28.42 -14.19
C ILE A 61 -2.84 -28.77 -12.92
N VAL A 62 -1.52 -28.82 -12.99
CA VAL A 62 -0.78 -29.10 -11.78
C VAL A 62 0.06 -27.89 -11.41
N GLY A 63 0.00 -26.85 -12.23
CA GLY A 63 0.72 -25.62 -11.94
C GLY A 63 0.36 -24.46 -12.85
N MET A 64 0.71 -23.25 -12.42
CA MET A 64 0.51 -22.08 -13.27
C MET A 64 1.44 -20.95 -12.93
N ILE A 65 1.72 -20.13 -13.94
CA ILE A 65 2.43 -18.87 -13.72
C ILE A 65 1.62 -17.77 -14.39
N VAL A 66 1.45 -16.66 -13.66
CA VAL A 66 0.74 -15.50 -14.18
C VAL A 66 1.66 -14.31 -14.09
N ALA A 67 1.88 -13.64 -15.22
CA ALA A 67 2.78 -12.51 -15.27
C ALA A 67 2.16 -11.32 -16.01
N GLU A 68 2.51 -10.11 -15.62
CA GLU A 68 2.09 -8.94 -16.36
C GLU A 68 3.28 -8.23 -16.99
N ILE A 69 3.22 -8.00 -18.30
CA ILE A 69 4.28 -7.26 -18.98
C ILE A 69 3.96 -5.76 -18.88
N LYS A 70 4.87 -4.99 -18.24
CA LYS A 70 4.63 -3.59 -17.92
C LYS A 70 5.71 -2.67 -18.51
N ASN A 71 5.32 -1.48 -18.94
CA ASN A 71 6.29 -0.44 -19.27
C ASN A 71 6.79 0.21 -17.98
N ARG A 72 7.74 1.13 -18.06
CA ARG A 72 8.30 1.74 -16.85
C ARG A 72 7.25 2.45 -15.96
N THR A 73 6.21 2.98 -16.58
CA THR A 73 5.20 3.74 -15.84
C THR A 73 4.26 2.82 -15.05
N LYS A 74 4.33 1.51 -15.29
CA LYS A 74 3.44 0.60 -14.56
C LYS A 74 4.13 -0.20 -13.47
N ILE A 75 5.42 0.05 -13.28
CA ILE A 75 6.13 -0.58 -12.18
C ILE A 75 5.65 -0.01 -10.84
N HIS A 76 5.47 -0.89 -9.85
CA HIS A 76 5.16 -0.50 -8.48
C HIS A 76 6.07 0.66 -8.06
N LYS A 77 5.48 1.66 -7.44
CA LYS A 77 6.20 2.88 -7.09
C LYS A 77 7.43 2.62 -6.23
N GLU A 78 7.31 1.67 -5.32
CA GLU A 78 8.40 1.36 -4.42
C GLU A 78 9.48 0.55 -5.14
N ASP A 79 9.17 0.07 -6.35
CA ASP A 79 10.09 -0.76 -7.10
C ASP A 79 10.54 -0.09 -8.39
N GLY A 80 10.22 1.18 -8.53
CA GLY A 80 10.54 1.95 -9.73
C GLY A 80 12.01 1.87 -10.07
N ASP A 81 12.86 1.79 -9.04
CA ASP A 81 14.30 1.84 -9.26
C ASP A 81 14.90 0.51 -9.72
N ILE A 82 14.07 -0.46 -10.08
CA ILE A 82 14.64 -1.71 -10.62
C ILE A 82 15.25 -1.44 -11.98
N LEU A 83 14.76 -0.41 -12.67
CA LEU A 83 15.34 0.00 -13.95
C LEU A 83 16.14 1.30 -13.77
N ALA A 84 17.41 1.25 -14.14
CA ALA A 84 18.26 2.42 -14.12
C ALA A 84 17.67 3.49 -15.02
N SER A 85 18.07 4.73 -14.80
CA SER A 85 17.38 5.85 -15.44
C SER A 85 17.78 6.01 -16.91
N ASN A 86 18.73 5.20 -17.37
CA ASN A 86 19.19 5.29 -18.75
C ASN A 86 18.34 4.45 -19.70
N PHE A 87 17.43 3.65 -19.13
CA PHE A 87 16.55 2.82 -19.95
C PHE A 87 15.40 3.63 -20.52
N SER A 88 15.13 3.40 -21.80
CA SER A 88 14.01 4.00 -22.51
C SER A 88 12.72 3.86 -21.69
N VAL A 89 11.84 4.85 -21.79
CA VAL A 89 10.59 4.80 -21.04
C VAL A 89 9.73 3.59 -21.45
N ASP A 90 9.74 3.25 -22.73
CA ASP A 90 9.01 2.09 -23.24
C ASP A 90 9.62 0.74 -22.83
N THR A 91 10.80 0.75 -22.20
CA THR A 91 11.45 -0.48 -21.75
C THR A 91 10.46 -1.28 -20.90
N GLN A 92 10.40 -2.60 -21.10
CA GLN A 92 9.41 -3.39 -20.38
C GLN A 92 9.99 -4.35 -19.36
N VAL A 93 9.19 -4.66 -18.35
CA VAL A 93 9.52 -5.71 -17.40
C VAL A 93 8.32 -6.62 -17.19
N ALA A 94 8.60 -7.81 -16.68
CA ALA A 94 7.53 -8.77 -16.36
C ALA A 94 7.38 -8.94 -14.86
N TYR A 95 6.17 -8.66 -14.35
CA TYR A 95 5.86 -8.86 -12.94
C TYR A 95 5.14 -10.17 -12.78
N ILE A 96 5.67 -11.04 -11.92
CA ILE A 96 5.00 -12.29 -11.59
C ILE A 96 3.93 -12.01 -10.55
N LEU A 97 2.66 -12.08 -10.97
CA LEU A 97 1.53 -11.98 -10.07
C LEU A 97 1.37 -13.28 -9.32
N SER A 98 1.67 -14.38 -10.01
CA SER A 98 1.33 -15.67 -9.44
C SER A 98 2.21 -16.78 -9.98
N LEU A 99 2.69 -17.63 -9.07
CA LEU A 99 3.34 -18.89 -9.44
C LEU A 99 3.07 -19.95 -8.40
N GLY A 100 2.47 -21.06 -8.82
CA GLY A 100 2.13 -22.12 -7.90
C GLY A 100 2.12 -23.48 -8.55
N VAL A 101 2.40 -24.50 -7.75
CA VAL A 101 2.38 -25.88 -8.22
C VAL A 101 1.63 -26.68 -7.17
N VAL A 102 0.78 -27.60 -7.61
CA VAL A 102 0.04 -28.50 -6.73
C VAL A 102 1.05 -29.18 -5.80
N LYS A 103 0.73 -29.21 -4.51
CA LYS A 103 1.68 -29.58 -3.48
C LYS A 103 2.45 -30.89 -3.77
N GLU A 104 1.73 -31.94 -4.10
CA GLU A 104 2.36 -33.24 -4.34
C GLU A 104 3.18 -33.28 -5.63
N PHE A 105 2.99 -32.32 -6.52
CA PHE A 105 3.77 -32.27 -7.75
C PHE A 105 4.99 -31.37 -7.64
N ARG A 106 5.19 -30.78 -6.46
CA ARG A 106 6.31 -29.88 -6.21
C ARG A 106 7.62 -30.64 -6.17
N LYS A 107 8.71 -29.91 -6.39
CA LYS A 107 10.05 -30.51 -6.46
C LYS A 107 10.17 -31.55 -7.58
N HIS A 108 9.49 -31.32 -8.70
CA HIS A 108 9.66 -32.16 -9.91
C HIS A 108 10.11 -31.35 -11.11
N GLY A 109 10.44 -30.08 -10.89
CA GLY A 109 10.93 -29.20 -11.93
C GLY A 109 9.84 -28.40 -12.67
N ILE A 110 8.60 -28.56 -12.22
CA ILE A 110 7.45 -27.89 -12.84
C ILE A 110 7.53 -26.39 -12.63
N GLY A 111 7.78 -25.96 -11.40
CA GLY A 111 7.95 -24.55 -11.10
C GLY A 111 9.01 -23.92 -11.99
N SER A 112 10.16 -24.58 -12.09
CA SER A 112 11.26 -24.12 -12.95
C SER A 112 10.88 -24.06 -14.42
N LEU A 113 10.07 -25.03 -14.84
CA LEU A 113 9.63 -25.10 -16.22
C LEU A 113 8.74 -23.90 -16.53
N LEU A 114 7.82 -23.59 -15.63
CA LEU A 114 6.95 -22.43 -15.83
C LEU A 114 7.76 -21.15 -15.89
N LEU A 115 8.72 -21.00 -14.98
CA LEU A 115 9.54 -19.80 -14.94
C LEU A 115 10.36 -19.66 -16.22
N GLU A 116 11.00 -20.75 -16.64
CA GLU A 116 11.78 -20.79 -17.88
C GLU A 116 10.92 -20.39 -19.09
N SER A 117 9.68 -20.85 -19.09
CA SER A 117 8.78 -20.57 -20.20
C SER A 117 8.43 -19.07 -20.26
N LEU A 118 8.19 -18.48 -19.09
CA LEU A 118 7.97 -17.06 -19.01
C LEU A 118 9.13 -16.29 -19.59
N LYS A 119 10.33 -16.66 -19.17
CA LYS A 119 11.51 -15.94 -19.58
C LYS A 119 11.78 -16.09 -21.09
N ASP A 120 11.49 -17.28 -21.67
CA ASP A 120 11.65 -17.44 -23.11
C ASP A 120 10.63 -16.58 -23.86
N HIS A 121 9.39 -16.58 -23.38
CA HIS A 121 8.34 -15.75 -23.96
C HIS A 121 8.76 -14.27 -24.03
N ILE A 122 9.42 -13.76 -22.99
CA ILE A 122 9.77 -12.35 -22.99
C ILE A 122 11.17 -12.09 -23.53
N SER A 123 11.83 -13.12 -24.04
CA SER A 123 13.19 -12.97 -24.61
C SER A 123 13.26 -13.30 -26.10
N THR A 124 12.15 -13.76 -26.68
CA THR A 124 12.18 -14.20 -28.06
C THR A 124 11.17 -13.49 -28.93
N THR A 125 10.06 -13.05 -28.34
CA THR A 125 9.03 -12.33 -29.07
C THR A 125 9.16 -10.83 -28.88
N ALA A 126 8.93 -10.07 -29.94
CA ALA A 126 9.19 -8.62 -29.96
C ALA A 126 8.28 -7.81 -29.04
N GLN A 127 6.98 -8.08 -29.06
CA GLN A 127 6.02 -7.25 -28.35
C GLN A 127 6.13 -7.36 -26.83
N ASP A 128 6.42 -8.56 -26.33
CA ASP A 128 6.51 -8.78 -24.89
C ASP A 128 7.97 -8.85 -24.39
N HIS A 129 8.89 -8.32 -25.19
CA HIS A 129 10.30 -8.32 -24.85
C HIS A 129 10.57 -7.51 -23.58
N CYS A 130 11.26 -8.11 -22.61
CA CYS A 130 11.50 -7.48 -21.32
C CYS A 130 12.97 -7.47 -20.93
N LYS A 131 13.35 -6.53 -20.06
CA LYS A 131 14.72 -6.45 -19.55
C LYS A 131 14.84 -6.94 -18.11
N ALA A 132 13.72 -7.23 -17.48
CA ALA A 132 13.74 -7.77 -16.12
C ALA A 132 12.48 -8.55 -15.81
N ILE A 133 12.62 -9.46 -14.86
CA ILE A 133 11.50 -10.07 -14.17
C ILE A 133 11.57 -9.68 -12.70
N TYR A 134 10.46 -9.19 -12.16
CA TYR A 134 10.41 -8.94 -10.72
C TYR A 134 9.12 -9.48 -10.10
N LEU A 135 9.13 -9.59 -8.78
CA LEU A 135 8.04 -10.21 -8.07
C LEU A 135 8.14 -9.77 -6.61
N HIS A 136 7.09 -10.05 -5.85
CA HIS A 136 7.07 -9.80 -4.41
C HIS A 136 6.89 -11.12 -3.68
N VAL A 137 7.54 -11.25 -2.52
CA VAL A 137 7.42 -12.47 -1.74
C VAL A 137 7.37 -12.08 -0.27
N LEU A 138 6.50 -12.74 0.49
CA LEU A 138 6.43 -12.54 1.94
C LEU A 138 7.74 -13.00 2.59
N THR A 139 8.15 -12.30 3.66
CA THR A 139 9.41 -12.65 4.31
C THR A 139 9.38 -14.06 4.91
N THR A 140 8.19 -14.58 5.18
CA THR A 140 8.06 -15.91 5.77
C THR A 140 8.08 -17.06 4.73
N ASN A 141 8.02 -16.71 3.44
CA ASN A 141 7.95 -17.76 2.41
C ASN A 141 9.35 -18.24 2.01
N ASN A 142 9.97 -19.02 2.89
CA ASN A 142 11.34 -19.48 2.67
C ASN A 142 11.45 -20.34 1.43
N THR A 143 10.45 -21.18 1.20
CA THR A 143 10.46 -22.04 0.03
C THR A 143 10.56 -21.24 -1.26
N ALA A 144 9.75 -20.18 -1.40
CA ALA A 144 9.78 -19.36 -2.61
C ALA A 144 11.08 -18.55 -2.69
N ILE A 145 11.51 -18.00 -1.57
CA ILE A 145 12.75 -17.23 -1.56
C ILE A 145 13.94 -18.08 -2.03
N ASN A 146 14.07 -19.30 -1.50
CA ASN A 146 15.18 -20.17 -1.90
C ASN A 146 15.10 -20.55 -3.39
N PHE A 147 13.88 -20.86 -3.83
CA PHE A 147 13.61 -21.19 -5.23
C PHE A 147 14.14 -20.10 -6.16
N TYR A 148 13.70 -18.87 -5.90
CA TYR A 148 14.09 -17.73 -6.73
C TYR A 148 15.56 -17.37 -6.61
N GLU A 149 16.09 -17.40 -5.39
CA GLU A 149 17.51 -17.07 -5.20
C GLU A 149 18.37 -18.10 -5.90
N ASN A 150 17.95 -19.37 -5.86
CA ASN A 150 18.69 -20.42 -6.58
C ASN A 150 18.56 -20.28 -8.09
N ARG A 151 17.66 -19.42 -8.54
CA ARG A 151 17.53 -19.17 -9.97
C ARG A 151 18.00 -17.78 -10.28
N ASP A 152 18.89 -17.30 -9.41
CA ASP A 152 19.65 -16.07 -9.57
C ASP A 152 18.80 -14.79 -9.49
N PHE A 153 17.60 -14.89 -8.94
CA PHE A 153 16.90 -13.66 -8.58
C PHE A 153 17.64 -13.05 -7.39
N LYS A 154 17.76 -11.73 -7.35
CA LYS A 154 18.39 -11.04 -6.24
C LYS A 154 17.39 -10.20 -5.45
N GLN A 155 17.61 -10.07 -4.15
CA GLN A 155 16.73 -9.22 -3.36
C GLN A 155 16.99 -7.75 -3.65
N HIS A 156 15.97 -7.05 -4.11
CA HIS A 156 16.11 -5.66 -4.51
C HIS A 156 15.67 -4.70 -3.41
N HIS A 157 14.58 -5.06 -2.74
CA HIS A 157 14.05 -4.25 -1.63
C HIS A 157 13.42 -5.08 -0.57
N TYR A 158 13.44 -4.54 0.64
CA TYR A 158 12.60 -5.00 1.75
C TYR A 158 11.40 -4.05 1.75
N LEU A 159 10.19 -4.60 1.77
CA LEU A 159 8.99 -3.76 1.83
C LEU A 159 8.41 -3.85 3.25
N PRO A 160 8.45 -2.74 4.00
CA PRO A 160 8.06 -2.89 5.40
C PRO A 160 6.57 -3.05 5.60
N TYR A 161 6.21 -3.54 6.78
CA TYR A 161 4.83 -3.64 7.18
C TYR A 161 4.12 -2.30 7.03
N TYR A 162 2.85 -2.36 6.63
CA TYR A 162 2.07 -1.16 6.40
C TYR A 162 0.66 -1.29 6.96
N TYR A 163 0.25 -0.32 7.80
CA TYR A 163 -1.10 -0.19 8.34
C TYR A 163 -1.80 1.10 7.99
N SER A 164 -3.10 0.96 7.79
CA SER A 164 -3.96 2.07 7.43
C SER A 164 -5.40 1.69 7.73
N ILE A 165 -6.29 2.69 7.71
CA ILE A 165 -7.71 2.43 7.84
C ILE A 165 -8.15 1.59 6.64
N ARG A 166 -7.41 1.65 5.54
CA ARG A 166 -7.77 0.90 4.34
C ARG A 166 -7.36 -0.55 4.39
N GLY A 167 -6.48 -0.89 5.32
CA GLY A 167 -6.04 -2.26 5.41
C GLY A 167 -4.59 -2.40 5.80
N VAL A 168 -4.16 -3.65 5.83
CA VAL A 168 -2.83 -4.02 6.24
C VAL A 168 -2.01 -4.71 5.14
N LEU A 169 -0.77 -4.27 4.92
CA LEU A 169 0.18 -5.00 4.08
C LEU A 169 1.31 -5.63 4.91
N LYS A 170 1.43 -6.96 4.86
CA LYS A 170 2.52 -7.66 5.53
C LYS A 170 3.86 -7.22 4.92
N ASP A 171 4.97 -7.39 5.65
CA ASP A 171 6.24 -7.05 5.04
C ASP A 171 6.66 -8.15 4.05
N GLY A 172 7.60 -7.82 3.17
CA GLY A 172 8.00 -8.70 2.11
C GLY A 172 9.24 -8.23 1.39
N PHE A 173 9.62 -8.94 0.34
CA PHE A 173 10.77 -8.57 -0.48
C PHE A 173 10.38 -8.35 -1.94
N THR A 174 11.08 -7.43 -2.60
CA THR A 174 11.07 -7.39 -4.05
C THR A 174 12.30 -8.14 -4.54
N TYR A 175 12.07 -9.15 -5.38
CA TYR A 175 13.16 -9.89 -6.02
C TYR A 175 13.23 -9.59 -7.51
N VAL A 176 14.43 -9.53 -8.07
CA VAL A 176 14.56 -9.09 -9.46
C VAL A 176 15.60 -9.95 -10.20
N LEU A 177 15.28 -10.29 -11.44
CA LEU A 177 16.20 -10.96 -12.36
C LEU A 177 16.36 -10.11 -13.63
N TYR A 178 17.60 -9.72 -13.96
CA TYR A 178 17.86 -8.95 -15.17
C TYR A 178 18.15 -9.87 -16.35
N ILE A 179 17.53 -9.58 -17.49
CA ILE A 179 17.64 -10.43 -18.69
C ILE A 179 17.86 -9.60 -19.94
N ASN A 180 18.42 -10.22 -20.99
CA ASN A 180 18.54 -9.55 -22.30
C ASN A 180 19.27 -8.22 -22.31
N GLY A 181 20.28 -8.08 -21.45
CA GLY A 181 21.06 -6.86 -21.38
C GLY A 181 20.58 -5.88 -20.33
N GLY A 182 19.52 -6.25 -19.62
CA GLY A 182 18.99 -5.42 -18.56
C GLY A 182 19.99 -5.28 -17.41
N VAL B 3 -27.81 9.18 28.04
CA VAL B 3 -26.81 10.25 28.02
C VAL B 3 -27.48 11.61 27.90
N PRO B 4 -27.27 12.48 28.91
CA PRO B 4 -27.90 13.79 29.00
C PRO B 4 -27.52 14.71 27.84
N SER B 5 -28.47 15.53 27.41
CA SER B 5 -28.22 16.52 26.36
C SER B 5 -27.08 17.45 26.75
N SER B 6 -26.85 17.60 28.06
CA SER B 6 -25.83 18.50 28.57
C SER B 6 -24.48 17.83 28.81
N ALA B 7 -24.32 16.61 28.29
CA ALA B 7 -23.11 15.84 28.51
C ALA B 7 -21.86 16.64 28.12
N LEU B 8 -21.94 17.36 27.01
CA LEU B 8 -20.78 18.09 26.51
C LEU B 8 -20.16 19.05 27.53
N SER B 9 -21.00 19.75 28.30
CA SER B 9 -20.50 20.72 29.28
C SER B 9 -19.70 20.09 30.41
N GLU B 10 -19.88 18.80 30.64
CA GLU B 10 -19.16 18.11 31.70
C GLU B 10 -18.07 17.17 31.15
N VAL B 11 -17.72 17.33 29.88
CA VAL B 11 -16.67 16.53 29.24
C VAL B 11 -15.31 17.20 29.44
N SER B 12 -14.30 16.42 29.83
CA SER B 12 -12.95 16.96 29.98
C SER B 12 -12.01 16.42 28.91
N LEU B 13 -10.86 17.07 28.75
CA LEU B 13 -9.88 16.61 27.77
C LEU B 13 -8.54 16.39 28.47
N ARG B 14 -7.88 15.30 28.13
CA ARG B 14 -6.56 14.98 28.68
C ARG B 14 -5.79 14.06 27.77
N LEU B 15 -4.47 14.11 27.90
CA LEU B 15 -3.61 13.20 27.18
C LEU B 15 -3.87 11.78 27.63
N LEU B 16 -3.73 10.84 26.70
CA LEU B 16 -3.74 9.42 27.03
C LEU B 16 -2.51 9.06 27.84
N CYS B 17 -2.63 8.05 28.69
CA CYS B 17 -1.47 7.53 29.39
C CYS B 17 -1.45 6.01 29.33
N HIS B 18 -0.36 5.42 29.81
CA HIS B 18 -0.17 3.98 29.71
C HIS B 18 -1.30 3.20 30.36
N ASP B 19 -1.90 3.76 31.41
CA ASP B 19 -3.04 3.10 32.06
C ASP B 19 -4.27 3.02 31.13
N ASP B 20 -4.30 3.79 30.06
CA ASP B 20 -5.46 3.81 29.17
C ASP B 20 -5.45 2.69 28.13
N ILE B 21 -4.31 2.00 27.99
CA ILE B 21 -4.09 1.10 26.86
C ILE B 21 -5.20 0.08 26.65
N ASP B 22 -5.58 -0.59 27.73
CA ASP B 22 -6.60 -1.61 27.67
C ASP B 22 -7.94 -1.01 27.21
N THR B 23 -8.27 0.15 27.76
CA THR B 23 -9.48 0.84 27.38
C THR B 23 -9.44 1.25 25.92
N VAL B 24 -8.31 1.82 25.49
CA VAL B 24 -8.17 2.26 24.10
C VAL B 24 -8.36 1.09 23.13
N LYS B 25 -7.66 -0.01 23.39
CA LYS B 25 -7.78 -1.24 22.62
C LYS B 25 -9.23 -1.67 22.48
N HIS B 26 -9.95 -1.64 23.59
CA HIS B 26 -11.35 -2.05 23.56
C HIS B 26 -12.17 -1.14 22.66
N LEU B 27 -11.98 0.17 22.80
CA LEU B 27 -12.72 1.14 21.99
C LEU B 27 -12.36 1.02 20.51
N CYS B 28 -11.06 0.88 20.22
CA CYS B 28 -10.62 0.73 18.82
C CYS B 28 -11.12 -0.58 18.22
N GLY B 29 -11.24 -1.60 19.05
CA GLY B 29 -11.79 -2.88 18.64
C GLY B 29 -13.25 -2.74 18.27
N ASP B 30 -13.94 -1.79 18.91
CA ASP B 30 -15.34 -1.54 18.62
C ASP B 30 -15.55 -0.65 17.40
N TRP B 31 -14.64 0.29 17.17
CA TRP B 31 -14.82 1.30 16.12
C TRP B 31 -14.23 0.93 14.74
N PHE B 32 -13.11 0.21 14.73
CA PHE B 32 -12.38 -0.03 13.48
C PHE B 32 -12.05 -1.49 13.24
N PRO B 33 -12.35 -1.98 12.03
CA PRO B 33 -12.09 -3.38 11.68
C PRO B 33 -10.61 -3.75 11.56
N ILE B 34 -9.74 -2.75 11.38
CA ILE B 34 -8.32 -3.02 11.24
C ILE B 34 -7.65 -3.04 12.61
N GLU B 35 -6.93 -4.12 12.89
CA GLU B 35 -6.19 -4.26 14.13
C GLU B 35 -4.73 -3.88 13.97
N TYR B 36 -4.30 -2.85 14.70
CA TYR B 36 -2.91 -2.41 14.67
C TYR B 36 -2.15 -3.24 15.71
N PRO B 37 -0.82 -3.37 15.57
CA PRO B 37 -0.07 -4.16 16.53
C PRO B 37 -0.03 -3.53 17.93
N ASP B 38 0.23 -4.34 18.96
CA ASP B 38 0.20 -3.87 20.34
C ASP B 38 1.09 -2.65 20.56
N SER B 39 2.16 -2.56 19.80
CA SER B 39 3.13 -1.48 19.96
C SER B 39 2.56 -0.13 19.56
N TRP B 40 1.58 -0.16 18.66
CA TRP B 40 0.88 1.06 18.28
C TRP B 40 0.15 1.66 19.48
N TYR B 41 -0.54 0.82 20.23
CA TYR B 41 -1.29 1.25 21.40
C TYR B 41 -0.38 1.82 22.48
N ARG B 42 0.78 1.22 22.68
CA ARG B 42 1.78 1.78 23.57
C ARG B 42 2.26 3.13 23.06
N ASP B 43 2.53 3.19 21.76
CA ASP B 43 3.07 4.39 21.12
C ASP B 43 2.16 5.59 21.35
N ILE B 44 0.88 5.41 21.07
CA ILE B 44 -0.04 6.53 21.14
C ILE B 44 -0.34 6.94 22.59
N THR B 45 -0.09 6.04 23.54
CA THR B 45 -0.31 6.34 24.95
C THR B 45 0.94 6.81 25.69
N SER B 46 1.97 7.21 24.94
CA SER B 46 3.28 7.49 25.52
C SER B 46 3.62 8.97 25.51
N ASN B 47 2.89 9.73 24.67
CA ASN B 47 3.07 11.18 24.49
C ASN B 47 4.35 11.59 23.76
N LYS B 48 5.08 10.61 23.25
CA LYS B 48 6.30 10.89 22.51
C LYS B 48 6.07 11.13 21.01
N LYS B 49 5.77 10.07 20.25
CA LYS B 49 5.58 10.22 18.81
C LYS B 49 4.23 10.78 18.32
N PHE B 50 3.15 10.62 19.09
CA PHE B 50 1.80 11.08 18.69
C PHE B 50 1.18 12.21 19.54
N PHE B 51 0.30 13.01 18.93
CA PHE B 51 -0.63 13.87 19.69
C PHE B 51 -1.96 13.14 19.87
N SER B 52 -2.18 12.67 21.09
CA SER B 52 -3.34 11.87 21.42
C SER B 52 -4.17 12.46 22.54
N LEU B 53 -5.38 12.89 22.23
CA LEU B 53 -6.22 13.52 23.22
C LEU B 53 -7.46 12.66 23.54
N ALA B 54 -7.77 12.48 24.81
CA ALA B 54 -8.99 11.77 25.14
C ALA B 54 -10.04 12.73 25.67
N ALA B 55 -11.30 12.44 25.32
CA ALA B 55 -12.45 13.09 25.94
C ALA B 55 -12.99 12.16 27.01
N THR B 56 -13.19 12.68 28.22
CA THR B 56 -13.69 11.85 29.29
C THR B 56 -15.00 12.41 29.85
N TYR B 57 -15.86 11.51 30.34
CA TYR B 57 -17.12 11.88 30.95
C TYR B 57 -17.30 11.06 32.22
N ARG B 58 -17.38 11.75 33.37
CA ARG B 58 -17.44 11.08 34.68
C ARG B 58 -16.30 10.08 34.82
N GLY B 59 -15.11 10.50 34.40
CA GLY B 59 -13.92 9.67 34.52
C GLY B 59 -13.69 8.65 33.43
N ALA B 60 -14.71 8.37 32.60
CA ALA B 60 -14.54 7.36 31.55
C ALA B 60 -14.23 8.00 30.20
N ILE B 61 -13.30 7.40 29.46
CA ILE B 61 -13.00 7.86 28.12
C ILE B 61 -14.22 7.61 27.23
N VAL B 62 -14.78 8.66 26.62
CA VAL B 62 -15.90 8.46 25.72
C VAL B 62 -15.56 8.86 24.29
N GLY B 63 -14.32 9.31 24.09
CA GLY B 63 -13.86 9.65 22.75
C GLY B 63 -12.35 9.88 22.73
N MET B 64 -11.77 9.83 21.54
CA MET B 64 -10.35 10.09 21.39
C MET B 64 -9.95 10.53 19.98
N ILE B 65 -8.89 11.33 19.91
CA ILE B 65 -8.27 11.66 18.64
C ILE B 65 -6.78 11.40 18.72
N VAL B 66 -6.26 10.75 17.67
CA VAL B 66 -4.83 10.47 17.59
C VAL B 66 -4.29 11.05 16.29
N ALA B 67 -3.28 11.91 16.39
CA ALA B 67 -2.70 12.57 15.24
C ALA B 67 -1.17 12.45 15.19
N GLU B 68 -0.60 12.37 13.99
CA GLU B 68 0.86 12.45 13.87
C GLU B 68 1.29 13.71 13.13
N ILE B 69 2.17 14.48 13.76
CA ILE B 69 2.72 15.67 13.12
C ILE B 69 3.93 15.27 12.25
N LYS B 70 3.81 15.50 10.94
CA LYS B 70 4.81 15.02 9.99
C LYS B 70 5.38 16.16 9.14
N ASN B 71 6.68 16.10 8.86
CA ASN B 71 7.29 16.96 7.86
C ASN B 71 6.95 16.35 6.51
N ARG B 72 7.28 17.01 5.40
CA ARG B 72 6.88 16.49 4.08
C ARG B 72 7.42 15.09 3.74
N THR B 73 8.53 14.69 4.33
CA THR B 73 9.12 13.41 3.95
C THR B 73 8.37 12.23 4.57
N LYS B 74 7.47 12.50 5.51
CA LYS B 74 6.72 11.44 6.17
C LYS B 74 5.24 11.40 5.70
N ILE B 75 4.89 12.25 4.75
CA ILE B 75 3.55 12.18 4.17
C ILE B 75 3.44 10.92 3.29
N HIS B 76 2.31 10.23 3.38
CA HIS B 76 2.02 9.09 2.52
C HIS B 76 2.38 9.46 1.07
N LYS B 77 3.07 8.56 0.36
CA LYS B 77 3.58 8.87 -0.98
C LYS B 77 2.47 9.25 -1.94
N GLU B 78 1.31 8.60 -1.80
CA GLU B 78 0.19 8.88 -2.69
C GLU B 78 -0.46 10.21 -2.34
N ASP B 79 -0.09 10.79 -1.20
CA ASP B 79 -0.66 12.05 -0.72
C ASP B 79 0.36 13.18 -0.66
N GLY B 80 1.52 12.97 -1.27
CA GLY B 80 2.58 13.97 -1.26
C GLY B 80 2.10 15.34 -1.70
N ASP B 81 1.17 15.36 -2.65
CA ASP B 81 0.71 16.60 -3.23
C ASP B 81 -0.36 17.34 -2.44
N ILE B 82 -0.63 16.94 -1.20
CA ILE B 82 -1.61 17.70 -0.40
C ILE B 82 -1.07 19.09 -0.12
N LEU B 83 0.25 19.23 -0.10
CA LEU B 83 0.89 20.54 0.04
C LEU B 83 1.42 20.94 -1.31
N ALA B 84 1.14 22.17 -1.73
CA ALA B 84 1.69 22.65 -2.98
C ALA B 84 3.20 22.50 -2.97
N SER B 85 3.79 22.55 -4.15
CA SER B 85 5.17 22.16 -4.32
C SER B 85 6.18 23.19 -3.84
N ASN B 86 5.69 24.37 -3.47
CA ASN B 86 6.59 25.43 -3.04
C ASN B 86 6.84 25.44 -1.54
N PHE B 87 6.13 24.58 -0.81
CA PHE B 87 6.34 24.51 0.64
C PHE B 87 7.60 23.72 0.99
N SER B 88 8.39 24.29 1.88
CA SER B 88 9.60 23.66 2.42
C SER B 88 9.38 22.26 2.98
N VAL B 89 10.42 21.43 2.87
CA VAL B 89 10.35 20.05 3.36
C VAL B 89 10.04 20.02 4.85
N ASP B 90 10.59 20.97 5.61
CA ASP B 90 10.30 21.02 7.04
C ASP B 90 8.85 21.45 7.37
N THR B 91 8.10 21.98 6.39
CA THR B 91 6.70 22.34 6.61
C THR B 91 6.00 21.10 7.15
N GLN B 92 5.14 21.26 8.15
CA GLN B 92 4.50 20.10 8.78
C GLN B 92 2.99 19.98 8.51
N VAL B 93 2.50 18.76 8.57
CA VAL B 93 1.07 18.52 8.55
C VAL B 93 0.68 17.57 9.67
N ALA B 94 -0.61 17.56 10.01
CA ALA B 94 -1.12 16.61 11.00
C ALA B 94 -1.97 15.54 10.31
N TYR B 95 -1.58 14.27 10.46
CA TYR B 95 -2.37 13.15 9.93
C TYR B 95 -3.21 12.55 11.04
N ILE B 96 -4.52 12.51 10.84
CA ILE B 96 -5.39 11.90 11.83
C ILE B 96 -5.34 10.39 11.66
N LEU B 97 -4.68 9.71 12.60
CA LEU B 97 -4.65 8.26 12.61
C LEU B 97 -5.98 7.71 13.09
N SER B 98 -6.60 8.43 14.01
CA SER B 98 -7.79 7.92 14.66
C SER B 98 -8.66 9.05 15.21
N LEU B 99 -9.96 8.94 14.97
CA LEU B 99 -10.95 9.77 15.64
C LEU B 99 -12.20 8.94 15.89
N GLY B 100 -12.59 8.83 17.16
CA GLY B 100 -13.74 8.03 17.53
C GLY B 100 -14.42 8.49 18.80
N VAL B 101 -15.72 8.26 18.86
CA VAL B 101 -16.52 8.59 20.01
C VAL B 101 -17.43 7.40 20.29
N VAL B 102 -17.58 7.06 21.57
CA VAL B 102 -18.49 6.01 22.01
C VAL B 102 -19.87 6.28 21.43
N LYS B 103 -20.50 5.24 20.89
CA LYS B 103 -21.72 5.37 20.10
C LYS B 103 -22.80 6.24 20.74
N GLU B 104 -23.13 5.94 21.99
CA GLU B 104 -24.20 6.66 22.68
C GLU B 104 -23.86 8.12 22.94
N PHE B 105 -22.58 8.46 22.88
CA PHE B 105 -22.15 9.82 23.11
C PHE B 105 -21.99 10.64 21.83
N ARG B 106 -22.26 10.02 20.68
CA ARG B 106 -22.12 10.70 19.40
C ARG B 106 -23.20 11.76 19.23
N LYS B 107 -22.95 12.70 18.31
CA LYS B 107 -23.87 13.81 18.03
C LYS B 107 -24.11 14.67 19.29
N HIS B 108 -23.08 14.82 20.12
CA HIS B 108 -23.11 15.71 21.28
C HIS B 108 -22.01 16.74 21.21
N GLY B 109 -21.30 16.78 20.08
CA GLY B 109 -20.25 17.75 19.88
C GLY B 109 -18.86 17.31 20.33
N ILE B 110 -18.74 16.07 20.81
CA ILE B 110 -17.46 15.58 21.31
C ILE B 110 -16.43 15.42 20.19
N GLY B 111 -16.83 14.80 19.09
CA GLY B 111 -15.97 14.68 17.92
C GLY B 111 -15.47 16.02 17.43
N SER B 112 -16.38 16.99 17.31
CA SER B 112 -15.99 18.34 16.91
C SER B 112 -15.00 18.97 17.90
N LEU B 113 -15.20 18.70 19.19
CA LEU B 113 -14.34 19.22 20.25
C LEU B 113 -12.92 18.66 20.14
N LEU B 114 -12.81 17.37 19.90
CA LEU B 114 -11.51 16.73 19.75
C LEU B 114 -10.79 17.31 18.53
N LEU B 115 -11.53 17.51 17.44
CA LEU B 115 -10.96 18.06 16.20
C LEU B 115 -10.47 19.49 16.41
N GLU B 116 -11.29 20.32 17.05
CA GLU B 116 -10.94 21.70 17.34
C GLU B 116 -9.67 21.77 18.17
N SER B 117 -9.54 20.85 19.13
CA SER B 117 -8.39 20.83 20.03
C SER B 117 -7.12 20.49 19.28
N LEU B 118 -7.21 19.50 18.38
CA LEU B 118 -6.07 19.20 17.52
C LEU B 118 -5.68 20.43 16.72
N LYS B 119 -6.67 21.12 16.14
CA LYS B 119 -6.38 22.25 15.27
C LYS B 119 -5.72 23.41 16.08
N ASP B 120 -6.20 23.63 17.31
CA ASP B 120 -5.61 24.68 18.13
C ASP B 120 -4.20 24.30 18.52
N HIS B 121 -3.99 23.04 18.88
CA HIS B 121 -2.66 22.55 19.23
C HIS B 121 -1.63 22.84 18.12
N ILE B 122 -2.01 22.63 16.87
CA ILE B 122 -1.04 22.77 15.78
C ILE B 122 -1.09 24.17 15.14
N SER B 123 -1.84 25.07 15.75
CA SER B 123 -1.95 26.43 15.25
C SER B 123 -1.40 27.45 16.24
N THR B 124 -1.06 26.98 17.45
CA THR B 124 -0.68 27.91 18.51
C THR B 124 0.70 27.60 19.09
N THR B 125 1.14 26.34 19.05
CA THR B 125 2.47 25.99 19.56
C THR B 125 3.49 25.83 18.41
N ALA B 126 4.71 26.31 18.64
CA ALA B 126 5.71 26.43 17.57
C ALA B 126 6.21 25.10 16.99
N GLN B 127 6.53 24.15 17.86
CA GLN B 127 7.14 22.91 17.41
C GLN B 127 6.20 22.06 16.57
N ASP B 128 4.92 22.04 16.93
CA ASP B 128 3.94 21.23 16.21
C ASP B 128 3.09 22.05 15.21
N HIS B 129 3.57 23.23 14.84
CA HIS B 129 2.87 24.11 13.92
C HIS B 129 2.65 23.44 12.56
N CYS B 130 1.41 23.45 12.08
CA CYS B 130 1.09 22.76 10.82
C CYS B 130 0.33 23.62 9.81
N LYS B 131 0.46 23.27 8.54
CA LYS B 131 -0.25 23.98 7.47
C LYS B 131 -1.43 23.18 6.95
N ALA B 132 -1.56 21.93 7.39
CA ALA B 132 -2.71 21.13 6.99
C ALA B 132 -3.04 20.02 7.97
N ILE B 133 -4.29 19.60 7.93
CA ILE B 133 -4.72 18.36 8.54
C ILE B 133 -5.20 17.42 7.42
N TYR B 134 -4.72 16.17 7.39
CA TYR B 134 -5.29 15.23 6.43
C TYR B 134 -5.56 13.89 7.08
N LEU B 135 -6.35 13.07 6.40
CA LEU B 135 -6.76 11.80 6.94
C LEU B 135 -7.26 10.95 5.80
N HIS B 136 -7.49 9.67 6.09
CA HIS B 136 -8.08 8.76 5.12
C HIS B 136 -9.41 8.26 5.65
N VAL B 137 -10.35 8.05 4.74
CA VAL B 137 -11.65 7.58 5.13
C VAL B 137 -12.10 6.62 4.04
N LEU B 138 -12.70 5.51 4.44
CA LEU B 138 -13.27 4.56 3.51
C LEU B 138 -14.44 5.19 2.79
N THR B 139 -14.62 4.83 1.52
CA THR B 139 -15.69 5.40 0.73
C THR B 139 -17.05 5.07 1.29
N THR B 140 -17.12 4.01 2.08
CA THR B 140 -18.38 3.56 2.65
C THR B 140 -18.77 4.25 3.95
N ASN B 141 -17.85 5.01 4.54
CA ASN B 141 -18.09 5.67 5.82
C ASN B 141 -18.77 7.01 5.65
N ASN B 142 -20.06 6.97 5.34
CA ASN B 142 -20.82 8.19 5.06
C ASN B 142 -20.86 9.11 6.26
N THR B 143 -21.03 8.53 7.44
CA THR B 143 -21.09 9.35 8.65
C THR B 143 -19.85 10.21 8.83
N ALA B 144 -18.66 9.62 8.64
CA ALA B 144 -17.42 10.37 8.79
C ALA B 144 -17.23 11.37 7.65
N ILE B 145 -17.58 10.97 6.43
CA ILE B 145 -17.43 11.86 5.28
C ILE B 145 -18.25 13.15 5.47
N ASN B 146 -19.50 13.00 5.92
CA ASN B 146 -20.35 14.18 6.16
C ASN B 146 -19.74 15.04 7.25
N PHE B 147 -19.30 14.39 8.31
CA PHE B 147 -18.68 15.09 9.44
C PHE B 147 -17.52 15.97 8.98
N TYR B 148 -16.56 15.40 8.26
CA TYR B 148 -15.41 16.17 7.82
C TYR B 148 -15.75 17.24 6.78
N GLU B 149 -16.62 16.89 5.83
CA GLU B 149 -17.00 17.86 4.80
C GLU B 149 -17.77 19.04 5.42
N ASN B 150 -18.57 18.77 6.45
CA ASN B 150 -19.26 19.86 7.14
C ASN B 150 -18.30 20.73 7.96
N ARG B 151 -17.06 20.24 8.13
CA ARG B 151 -16.04 21.01 8.85
C ARG B 151 -14.95 21.46 7.88
N ASP B 152 -15.37 21.55 6.62
CA ASP B 152 -14.63 22.19 5.52
C ASP B 152 -13.37 21.44 5.09
N PHE B 153 -13.25 20.17 5.46
CA PHE B 153 -12.26 19.32 4.82
C PHE B 153 -12.73 19.09 3.38
N LYS B 154 -11.79 19.10 2.46
CA LYS B 154 -12.04 18.84 1.05
C LYS B 154 -11.46 17.50 0.60
N GLN B 155 -12.16 16.83 -0.30
CA GLN B 155 -11.64 15.59 -0.84
C GLN B 155 -10.47 15.91 -1.74
N HIS B 156 -9.31 15.38 -1.40
CA HIS B 156 -8.11 15.64 -2.17
C HIS B 156 -7.87 14.51 -3.16
N HIS B 157 -8.09 13.27 -2.73
CA HIS B 157 -7.88 12.11 -3.61
C HIS B 157 -8.86 11.02 -3.40
N TYR B 158 -9.05 10.24 -4.46
CA TYR B 158 -9.62 8.93 -4.37
C TYR B 158 -8.43 7.95 -4.37
N LEU B 159 -8.40 7.04 -3.41
CA LEU B 159 -7.35 6.01 -3.37
C LEU B 159 -7.95 4.70 -3.83
N PRO B 160 -7.50 4.17 -4.98
CA PRO B 160 -8.18 2.97 -5.49
C PRO B 160 -7.84 1.71 -4.72
N TYR B 161 -8.67 0.70 -4.87
CA TYR B 161 -8.45 -0.61 -4.28
C TYR B 161 -7.07 -1.14 -4.70
N TYR B 162 -6.39 -1.82 -3.78
CA TYR B 162 -5.06 -2.33 -4.07
C TYR B 162 -4.93 -3.79 -3.64
N TYR B 163 -4.43 -4.63 -4.56
CA TYR B 163 -4.12 -6.05 -4.32
C TYR B 163 -2.67 -6.40 -4.48
N SER B 164 -2.20 -7.29 -3.60
CA SER B 164 -0.85 -7.78 -3.63
C SER B 164 -0.78 -9.08 -2.84
N ILE B 165 0.27 -9.87 -2.99
CA ILE B 165 0.44 -11.03 -2.13
C ILE B 165 0.62 -10.57 -0.67
N ARG B 166 0.97 -9.29 -0.48
CA ARG B 166 1.17 -8.75 0.85
C ARG B 166 -0.11 -8.37 1.55
N GLY B 167 -1.19 -8.24 0.78
CA GLY B 167 -2.47 -7.88 1.35
C GLY B 167 -3.33 -7.00 0.47
N VAL B 168 -4.47 -6.61 1.02
CA VAL B 168 -5.44 -5.78 0.31
C VAL B 168 -5.70 -4.44 1.02
N LEU B 169 -5.65 -3.36 0.27
CA LEU B 169 -6.12 -2.07 0.74
C LEU B 169 -7.42 -1.70 0.05
N LYS B 170 -8.47 -1.48 0.84
CA LYS B 170 -9.75 -1.02 0.33
C LYS B 170 -9.62 0.34 -0.33
N ASP B 171 -10.57 0.74 -1.17
CA ASP B 171 -10.48 2.09 -1.69
C ASP B 171 -10.92 3.07 -0.58
N GLY B 172 -10.57 4.34 -0.77
CA GLY B 172 -10.84 5.37 0.20
C GLY B 172 -10.59 6.74 -0.37
N PHE B 173 -10.75 7.75 0.48
CA PHE B 173 -10.50 9.14 0.13
C PHE B 173 -9.44 9.71 1.03
N THR B 174 -8.65 10.61 0.47
CA THR B 174 -7.81 11.49 1.27
C THR B 174 -8.55 12.82 1.43
N TYR B 175 -8.82 13.20 2.69
CA TYR B 175 -9.45 14.48 2.99
C TYR B 175 -8.42 15.42 3.62
N VAL B 176 -8.53 16.70 3.29
CA VAL B 176 -7.52 17.67 3.72
C VAL B 176 -8.20 19.00 4.14
N LEU B 177 -7.69 19.56 5.23
CA LEU B 177 -8.06 20.91 5.71
C LEU B 177 -6.80 21.77 5.76
N TYR B 178 -6.82 22.88 5.04
CA TYR B 178 -5.67 23.80 5.04
C TYR B 178 -5.82 24.86 6.15
N ILE B 179 -4.76 25.06 6.93
CA ILE B 179 -4.81 25.97 8.06
C ILE B 179 -3.55 26.83 8.13
N ASN B 180 -3.66 27.99 8.78
CA ASN B 180 -2.50 28.84 9.06
C ASN B 180 -1.72 29.27 7.82
N GLY B 181 -2.42 29.46 6.72
CA GLY B 181 -1.79 29.85 5.48
C GLY B 181 -1.47 28.70 4.54
N GLY B 182 -1.83 27.47 4.95
CA GLY B 182 -1.64 26.30 4.12
C GLY B 182 -2.46 26.33 2.84
N GLU C 1 -1.28 20.63 -24.35
CA GLU C 1 0.08 20.58 -23.85
C GLU C 1 0.90 19.51 -24.55
N VAL C 2 2.22 19.53 -24.38
CA VAL C 2 3.06 18.45 -24.86
C VAL C 2 3.35 17.53 -23.67
N VAL C 3 3.24 16.22 -23.88
CA VAL C 3 3.01 15.29 -22.78
C VAL C 3 4.11 14.25 -22.57
N PRO C 4 4.74 14.26 -21.38
CA PRO C 4 5.86 13.35 -21.11
C PRO C 4 5.44 11.89 -21.20
N SER C 5 6.32 11.05 -21.72
CA SER C 5 6.05 9.62 -21.85
C SER C 5 5.70 8.94 -20.52
N SER C 6 6.20 9.51 -19.43
CA SER C 6 6.01 8.99 -18.09
C SER C 6 4.84 9.64 -17.34
N ALA C 7 4.00 10.34 -18.08
CA ALA C 7 2.91 11.12 -17.49
C ALA C 7 2.03 10.32 -16.53
N LEU C 8 1.74 9.06 -16.86
CA LEU C 8 0.85 8.26 -16.02
C LEU C 8 1.31 8.20 -14.55
N SER C 9 2.63 8.17 -14.34
CA SER C 9 3.18 8.07 -12.99
C SER C 9 2.82 9.31 -12.15
N GLU C 10 2.47 10.40 -12.83
CA GLU C 10 2.14 11.65 -12.17
C GLU C 10 0.63 11.93 -12.17
N VAL C 11 -0.14 10.91 -12.51
CA VAL C 11 -1.59 11.02 -12.55
C VAL C 11 -2.23 10.61 -11.23
N SER C 12 -3.16 11.44 -10.76
CA SER C 12 -3.96 11.16 -9.56
C SER C 12 -5.43 11.00 -9.87
N LEU C 13 -6.18 10.55 -8.89
CA LEU C 13 -7.61 10.39 -9.03
C LEU C 13 -8.36 11.13 -7.93
N ARG C 14 -9.50 11.71 -8.28
CA ARG C 14 -10.42 12.30 -7.32
C ARG C 14 -11.83 12.34 -7.93
N LEU C 15 -12.85 12.35 -7.08
CA LEU C 15 -14.23 12.51 -7.52
C LEU C 15 -14.45 13.91 -8.07
N LEU C 16 -15.33 14.01 -9.06
CA LEU C 16 -15.77 15.31 -9.52
C LEU C 16 -16.57 15.97 -8.42
N CYS C 17 -16.55 17.30 -8.39
CA CYS C 17 -17.42 18.04 -7.48
C CYS C 17 -18.00 19.20 -8.26
N HIS C 18 -18.95 19.89 -7.64
CA HIS C 18 -19.71 20.95 -8.32
C HIS C 18 -18.80 22.04 -8.93
N ASP C 19 -17.64 22.29 -8.33
CA ASP C 19 -16.70 23.30 -8.88
C ASP C 19 -16.11 22.93 -10.25
N ASP C 20 -16.21 21.65 -10.62
CA ASP C 20 -15.62 21.15 -11.87
C ASP C 20 -16.49 21.38 -13.11
N ILE C 21 -17.73 21.82 -12.91
CA ILE C 21 -18.72 21.84 -13.99
C ILE C 21 -18.20 22.56 -15.24
N ASP C 22 -17.57 23.71 -15.05
CA ASP C 22 -17.04 24.46 -16.17
C ASP C 22 -15.97 23.69 -16.94
N THR C 23 -15.06 23.04 -16.21
CA THR C 23 -14.02 22.27 -16.85
C THR C 23 -14.62 21.06 -17.58
N VAL C 24 -15.51 20.35 -16.90
CA VAL C 24 -16.15 19.16 -17.45
C VAL C 24 -16.94 19.52 -18.73
N LYS C 25 -17.71 20.60 -18.70
CA LYS C 25 -18.37 21.08 -19.92
C LYS C 25 -17.39 21.28 -21.08
N HIS C 26 -16.26 21.93 -20.81
CA HIS C 26 -15.29 22.19 -21.85
C HIS C 26 -14.76 20.89 -22.41
N LEU C 27 -14.42 19.98 -21.51
CA LEU C 27 -13.92 18.67 -21.89
C LEU C 27 -14.96 17.86 -22.66
N CYS C 28 -16.19 17.84 -22.17
CA CYS C 28 -17.24 17.11 -22.87
C CYS C 28 -17.51 17.72 -24.23
N GLY C 29 -17.34 19.05 -24.33
CA GLY C 29 -17.49 19.76 -25.58
C GLY C 29 -16.47 19.34 -26.62
N ASP C 30 -15.30 18.91 -26.15
CA ASP C 30 -14.24 18.46 -27.05
C ASP C 30 -14.46 17.04 -27.52
N TRP C 31 -15.06 16.23 -26.66
CA TRP C 31 -15.20 14.79 -26.93
C TRP C 31 -16.47 14.36 -27.64
N PHE C 32 -17.58 15.06 -27.37
CA PHE C 32 -18.88 14.63 -27.85
C PHE C 32 -19.65 15.74 -28.52
N PRO C 33 -20.28 15.43 -29.66
CA PRO C 33 -21.09 16.34 -30.47
C PRO C 33 -22.37 16.73 -29.75
N ILE C 34 -22.64 16.02 -28.65
CA ILE C 34 -23.88 16.19 -27.90
C ILE C 34 -23.78 17.35 -26.92
N GLU C 35 -24.71 18.29 -26.98
CA GLU C 35 -24.70 19.32 -25.95
C GLU C 35 -25.70 18.94 -24.87
N TYR C 36 -25.17 18.61 -23.69
CA TYR C 36 -25.97 18.23 -22.55
C TYR C 36 -26.43 19.47 -21.80
N PRO C 37 -27.58 19.39 -21.13
CA PRO C 37 -28.12 20.54 -20.40
C PRO C 37 -27.35 20.80 -19.10
N ASP C 38 -27.44 22.02 -18.57
CA ASP C 38 -26.73 22.38 -17.36
C ASP C 38 -27.07 21.43 -16.22
N SER C 39 -28.29 20.94 -16.21
CA SER C 39 -28.74 20.08 -15.12
C SER C 39 -28.01 18.74 -15.17
N TRP C 40 -27.61 18.32 -16.38
CA TRP C 40 -26.81 17.09 -16.54
C TRP C 40 -25.46 17.24 -15.86
N TYR C 41 -24.78 18.35 -16.14
CA TYR C 41 -23.48 18.60 -15.54
C TYR C 41 -23.58 18.72 -14.03
N ARG C 42 -24.64 19.37 -13.56
CA ARG C 42 -24.88 19.41 -12.12
C ARG C 42 -25.05 18.01 -11.55
N ASP C 43 -25.85 17.18 -12.20
CA ASP C 43 -26.05 15.84 -11.69
C ASP C 43 -24.78 15.02 -11.59
N ILE C 44 -24.02 14.94 -12.67
CA ILE C 44 -22.89 14.02 -12.69
C ILE C 44 -21.77 14.51 -11.78
N THR C 45 -21.77 15.80 -11.47
CA THR C 45 -20.73 16.29 -10.57
C THR C 45 -21.16 16.38 -9.11
N SER C 46 -22.46 16.37 -8.86
CA SER C 46 -22.95 16.68 -7.52
C SER C 46 -23.85 15.62 -6.89
N ASN C 47 -24.45 14.78 -7.72
CA ASN C 47 -25.36 13.75 -7.23
C ASN C 47 -24.56 12.52 -6.82
N LYS C 48 -24.85 11.98 -5.64
CA LYS C 48 -24.10 10.83 -5.14
C LYS C 48 -24.62 9.51 -5.73
N LYS C 49 -25.60 9.62 -6.61
CA LYS C 49 -26.11 8.44 -7.30
C LYS C 49 -25.06 8.04 -8.34
N PHE C 50 -24.16 8.96 -8.66
CA PHE C 50 -23.12 8.69 -9.65
C PHE C 50 -21.76 8.41 -9.01
N PHE C 51 -21.01 7.53 -9.64
CA PHE C 51 -19.60 7.43 -9.36
C PHE C 51 -18.90 8.20 -10.46
N SER C 52 -18.43 9.41 -10.16
CA SER C 52 -17.82 10.24 -11.16
C SER C 52 -16.37 10.49 -10.79
N LEU C 53 -15.48 9.80 -11.50
CA LEU C 53 -14.08 9.83 -11.17
C LEU C 53 -13.27 10.57 -12.23
N ALA C 54 -12.45 11.50 -11.74
CA ALA C 54 -11.57 12.26 -12.61
C ALA C 54 -10.13 11.78 -12.47
N ALA C 55 -9.39 11.86 -13.57
CA ALA C 55 -7.95 11.71 -13.53
C ALA C 55 -7.36 13.10 -13.62
N THR C 56 -6.40 13.39 -12.75
CA THR C 56 -5.74 14.69 -12.77
C THR C 56 -4.24 14.58 -13.01
N TYR C 57 -3.72 15.58 -13.68
CA TYR C 57 -2.32 15.73 -13.98
C TYR C 57 -1.95 17.18 -13.71
N ARG C 58 -0.98 17.39 -12.80
CA ARG C 58 -0.60 18.73 -12.36
C ARG C 58 -1.83 19.48 -11.85
N GLY C 59 -2.69 18.78 -11.12
CA GLY C 59 -3.90 19.37 -10.57
C GLY C 59 -5.08 19.51 -11.53
N ALA C 60 -4.83 19.39 -12.83
CA ALA C 60 -5.85 19.58 -13.86
C ALA C 60 -6.50 18.27 -14.31
N ILE C 61 -7.82 18.31 -14.52
CA ILE C 61 -8.54 17.15 -14.99
C ILE C 61 -8.13 16.79 -16.42
N VAL C 62 -7.61 15.59 -16.63
CA VAL C 62 -7.26 15.19 -17.99
C VAL C 62 -8.08 13.99 -18.48
N GLY C 63 -8.98 13.50 -17.65
CA GLY C 63 -9.86 12.42 -18.05
C GLY C 63 -10.95 12.21 -17.01
N MET C 64 -11.99 11.49 -17.40
CA MET C 64 -13.04 11.15 -16.44
C MET C 64 -13.85 9.93 -16.86
N ILE C 65 -14.38 9.25 -15.86
CA ILE C 65 -15.37 8.22 -16.08
C ILE C 65 -16.56 8.56 -15.19
N VAL C 66 -17.74 8.47 -15.77
CA VAL C 66 -18.98 8.76 -15.07
C VAL C 66 -19.88 7.54 -15.13
N ALA C 67 -20.24 7.01 -13.99
CA ALA C 67 -21.08 5.82 -13.99
C ALA C 67 -22.23 5.99 -13.03
N GLU C 68 -23.38 5.42 -13.39
CA GLU C 68 -24.52 5.42 -12.50
C GLU C 68 -24.78 4.02 -12.00
N ILE C 69 -24.73 3.87 -10.68
CA ILE C 69 -25.07 2.60 -10.06
C ILE C 69 -26.55 2.65 -9.78
N LYS C 70 -27.30 1.78 -10.45
CA LYS C 70 -28.74 1.77 -10.37
C LYS C 70 -29.26 0.37 -10.15
N ASN C 71 -30.44 0.27 -9.56
CA ASN C 71 -31.13 -1.00 -9.47
C ASN C 71 -31.51 -1.48 -10.88
N ARG C 72 -31.80 -2.76 -11.03
CA ARG C 72 -32.06 -3.38 -12.33
C ARG C 72 -33.26 -2.80 -13.06
N THR C 73 -34.18 -2.22 -12.30
CA THR C 73 -35.40 -1.66 -12.87
C THR C 73 -35.16 -0.31 -13.55
N LYS C 74 -33.94 0.20 -13.45
CA LYS C 74 -33.58 1.50 -14.01
C LYS C 74 -32.72 1.32 -15.26
N ILE C 75 -32.55 0.07 -15.69
CA ILE C 75 -31.85 -0.22 -16.94
C ILE C 75 -32.68 0.27 -18.12
N HIS C 76 -32.01 0.85 -19.11
CA HIS C 76 -32.64 1.28 -20.35
C HIS C 76 -33.59 0.20 -20.87
N LYS C 77 -34.76 0.63 -21.31
CA LYS C 77 -35.80 -0.31 -21.77
C LYS C 77 -35.27 -1.15 -22.92
N GLU C 78 -34.45 -0.55 -23.77
CA GLU C 78 -33.90 -1.28 -24.90
C GLU C 78 -32.80 -2.27 -24.47
N ASP C 79 -32.35 -2.18 -23.22
CA ASP C 79 -31.28 -3.07 -22.73
C ASP C 79 -31.71 -3.97 -21.59
N GLY C 80 -33.01 -4.05 -21.33
CA GLY C 80 -33.52 -4.76 -20.18
C GLY C 80 -33.02 -6.18 -19.99
N ASP C 81 -32.77 -6.87 -21.09
CA ASP C 81 -32.39 -8.27 -21.04
C ASP C 81 -30.91 -8.51 -20.73
N ILE C 82 -30.18 -7.48 -20.30
CA ILE C 82 -28.79 -7.73 -19.92
C ILE C 82 -28.78 -8.58 -18.67
N LEU C 83 -29.84 -8.52 -17.87
CA LEU C 83 -29.94 -9.38 -16.69
C LEU C 83 -30.96 -10.49 -16.90
N SER C 88 -33.30 -11.04 -9.41
CA SER C 88 -33.60 -10.66 -8.04
C SER C 88 -33.97 -9.19 -8.01
N VAL C 89 -34.88 -8.81 -7.12
CA VAL C 89 -35.34 -7.41 -7.03
C VAL C 89 -34.21 -6.45 -6.66
N ASP C 90 -33.27 -6.96 -5.89
CA ASP C 90 -32.11 -6.20 -5.42
C ASP C 90 -31.06 -5.68 -6.43
N THR C 91 -30.95 -6.35 -7.56
CA THR C 91 -29.70 -6.23 -8.32
C THR C 91 -29.31 -4.86 -8.86
N GLN C 92 -28.02 -4.51 -8.75
CA GLN C 92 -27.54 -3.24 -9.29
C GLN C 92 -26.64 -3.47 -10.49
N VAL C 93 -26.64 -2.50 -11.39
CA VAL C 93 -25.68 -2.48 -12.48
C VAL C 93 -25.09 -1.09 -12.56
N ALA C 94 -23.93 -0.99 -13.20
CA ALA C 94 -23.34 0.30 -13.44
C ALA C 94 -23.43 0.65 -14.92
N TYR C 95 -24.06 1.78 -15.25
CA TYR C 95 -24.10 2.29 -16.61
C TYR C 95 -23.03 3.37 -16.76
N ILE C 96 -22.12 3.19 -17.70
CA ILE C 96 -21.13 4.22 -17.94
C ILE C 96 -21.77 5.30 -18.80
N LEU C 97 -22.04 6.45 -18.21
CA LEU C 97 -22.60 7.56 -18.98
C LEU C 97 -21.54 8.18 -19.87
N SER C 98 -20.32 8.22 -19.36
CA SER C 98 -19.26 8.98 -19.97
C SER C 98 -17.90 8.41 -19.59
N LEU C 99 -17.02 8.32 -20.56
CA LEU C 99 -15.61 8.02 -20.39
C LEU C 99 -14.82 8.80 -21.45
N GLY C 100 -13.87 9.62 -21.01
CA GLY C 100 -13.05 10.38 -21.94
C GLY C 100 -11.72 10.77 -21.34
N VAL C 101 -10.73 10.92 -22.20
CA VAL C 101 -9.40 11.35 -21.80
C VAL C 101 -9.00 12.43 -22.80
N VAL C 102 -8.37 13.49 -22.30
CA VAL C 102 -7.86 14.57 -23.15
C VAL C 102 -6.96 14.00 -24.24
N LYS C 103 -7.15 14.48 -25.47
CA LYS C 103 -6.52 13.87 -26.64
C LYS C 103 -5.02 13.56 -26.49
N GLU C 104 -4.21 14.55 -26.10
CA GLU C 104 -2.76 14.35 -26.04
C GLU C 104 -2.33 13.40 -24.93
N PHE C 105 -3.22 13.14 -23.97
CA PHE C 105 -2.93 12.21 -22.89
C PHE C 105 -3.43 10.80 -23.16
N ARG C 106 -4.07 10.59 -24.30
CA ARG C 106 -4.59 9.24 -24.62
C ARG C 106 -3.43 8.29 -24.89
N LYS C 107 -3.70 6.99 -24.76
CA LYS C 107 -2.70 5.93 -24.91
C LYS C 107 -1.52 6.02 -23.93
N HIS C 108 -1.82 6.45 -22.71
CA HIS C 108 -0.86 6.45 -21.61
C HIS C 108 -1.36 5.62 -20.43
N GLY C 109 -2.49 4.94 -20.60
CA GLY C 109 -3.06 4.13 -19.54
C GLY C 109 -4.08 4.78 -18.60
N ILE C 110 -4.43 6.04 -18.86
CA ILE C 110 -5.41 6.76 -18.04
C ILE C 110 -6.83 6.18 -18.20
N GLY C 111 -7.25 5.94 -19.44
CA GLY C 111 -8.54 5.29 -19.65
C GLY C 111 -8.66 3.97 -18.91
N SER C 112 -7.62 3.15 -19.00
CA SER C 112 -7.61 1.85 -18.33
C SER C 112 -7.69 2.01 -16.82
N LEU C 113 -6.99 2.99 -16.27
CA LEU C 113 -6.99 3.21 -14.82
C LEU C 113 -8.39 3.60 -14.33
N LEU C 114 -9.03 4.51 -15.08
CA LEU C 114 -10.36 4.96 -14.71
C LEU C 114 -11.33 3.81 -14.72
N LEU C 115 -11.28 3.00 -15.78
CA LEU C 115 -12.18 1.85 -15.91
C LEU C 115 -11.91 0.81 -14.81
N GLU C 116 -10.63 0.48 -14.62
CA GLU C 116 -10.24 -0.47 -13.58
C GLU C 116 -10.65 0.01 -12.19
N SER C 117 -10.54 1.31 -11.96
CA SER C 117 -10.93 1.83 -10.65
C SER C 117 -12.42 1.70 -10.41
N LEU C 118 -13.23 1.99 -11.44
CA LEU C 118 -14.67 1.83 -11.32
C LEU C 118 -15.00 0.37 -10.99
N LYS C 119 -14.32 -0.52 -11.69
CA LYS C 119 -14.60 -1.94 -11.60
C LYS C 119 -14.24 -2.50 -10.22
N ASP C 120 -13.12 -2.07 -9.66
CA ASP C 120 -12.76 -2.51 -8.30
C ASP C 120 -13.70 -1.89 -7.28
N HIS C 121 -14.03 -0.62 -7.45
CA HIS C 121 -14.96 0.03 -6.55
C HIS C 121 -16.29 -0.72 -6.43
N ILE C 122 -16.82 -1.20 -7.54
CA ILE C 122 -18.13 -1.82 -7.47
C ILE C 122 -18.04 -3.32 -7.27
N SER C 123 -16.84 -3.84 -7.04
CA SER C 123 -16.70 -5.27 -6.78
C SER C 123 -16.29 -5.50 -5.34
N THR C 124 -15.95 -4.42 -4.64
CA THR C 124 -15.39 -4.56 -3.31
C THR C 124 -16.20 -3.85 -2.24
N THR C 125 -16.95 -2.83 -2.62
CA THR C 125 -17.78 -2.12 -1.64
C THR C 125 -19.23 -2.57 -1.72
N ALA C 126 -19.84 -2.76 -0.55
CA ALA C 126 -21.15 -3.40 -0.44
C ALA C 126 -22.30 -2.60 -1.05
N GLN C 127 -22.37 -1.31 -0.73
CA GLN C 127 -23.48 -0.47 -1.16
C GLN C 127 -23.48 -0.27 -2.67
N ASP C 128 -22.28 -0.17 -3.24
CA ASP C 128 -22.16 0.03 -4.69
C ASP C 128 -21.90 -1.28 -5.44
N HIS C 129 -22.15 -2.42 -4.80
CA HIS C 129 -21.88 -3.70 -5.43
C HIS C 129 -22.77 -3.93 -6.65
N CYS C 130 -22.15 -4.32 -7.77
CA CYS C 130 -22.87 -4.51 -9.06
C CYS C 130 -22.63 -5.88 -9.66
N LYS C 131 -23.59 -6.33 -10.48
CA LYS C 131 -23.45 -7.59 -11.19
C LYS C 131 -23.13 -7.36 -12.68
N ALA C 132 -23.22 -6.12 -13.14
CA ALA C 132 -22.81 -5.80 -14.51
C ALA C 132 -22.41 -4.34 -14.71
N ILE C 133 -21.54 -4.12 -15.68
CA ILE C 133 -21.28 -2.81 -16.22
C ILE C 133 -21.75 -2.78 -17.68
N TYR C 134 -22.51 -1.77 -18.05
CA TYR C 134 -22.89 -1.66 -19.46
C TYR C 134 -22.74 -0.21 -19.98
N LEU C 135 -22.77 -0.06 -21.29
CA LEU C 135 -22.52 1.21 -21.95
C LEU C 135 -23.06 1.17 -23.35
N HIS C 136 -23.11 2.36 -23.97
CA HIS C 136 -23.47 2.50 -25.37
C HIS C 136 -22.34 3.13 -26.13
N VAL C 137 -22.17 2.70 -27.37
CA VAL C 137 -21.08 3.20 -28.19
C VAL C 137 -21.55 3.25 -29.64
N LEU C 138 -21.16 4.31 -30.33
CA LEU C 138 -21.48 4.45 -31.75
C LEU C 138 -20.80 3.36 -32.52
N THR C 139 -21.45 2.86 -33.57
CA THR C 139 -20.85 1.79 -34.35
C THR C 139 -19.57 2.26 -35.01
N THR C 140 -19.41 3.56 -35.17
CA THR C 140 -18.23 4.12 -35.84
C THR C 140 -17.03 4.40 -34.93
N ASN C 141 -17.22 4.24 -33.62
CA ASN C 141 -16.15 4.57 -32.68
C ASN C 141 -15.22 3.41 -32.47
N ASN C 142 -14.37 3.12 -33.45
CA ASN C 142 -13.50 1.93 -33.39
C ASN C 142 -12.50 1.99 -32.24
N THR C 143 -12.01 3.18 -31.95
CA THR C 143 -11.07 3.36 -30.84
C THR C 143 -11.72 2.89 -29.54
N ALA C 144 -12.96 3.32 -29.28
CA ALA C 144 -13.60 2.88 -28.03
C ALA C 144 -13.98 1.42 -28.08
N ILE C 145 -14.50 0.96 -29.23
CA ILE C 145 -14.88 -0.45 -29.32
C ILE C 145 -13.68 -1.39 -29.07
N ASN C 146 -12.52 -1.10 -29.68
CA ASN C 146 -11.33 -1.92 -29.44
C ASN C 146 -10.90 -1.85 -27.96
N PHE C 147 -10.93 -0.64 -27.39
CA PHE C 147 -10.58 -0.44 -25.97
C PHE C 147 -11.41 -1.35 -25.07
N TYR C 148 -12.74 -1.26 -25.22
CA TYR C 148 -13.65 -2.05 -24.41
C TYR C 148 -13.58 -3.55 -24.67
N GLU C 149 -13.45 -3.94 -25.93
CA GLU C 149 -13.35 -5.36 -26.26
C GLU C 149 -12.05 -5.95 -25.73
N ASN C 150 -10.97 -5.16 -25.73
CA ASN C 150 -9.70 -5.62 -25.14
C ASN C 150 -9.78 -5.71 -23.63
N ARG C 151 -10.83 -5.12 -23.08
CA ARG C 151 -11.02 -5.18 -21.65
C ARG C 151 -12.24 -6.03 -21.35
N ASP C 152 -12.53 -6.91 -22.30
CA ASP C 152 -13.52 -8.00 -22.19
C ASP C 152 -14.98 -7.57 -22.09
N PHE C 153 -15.31 -6.36 -22.48
CA PHE C 153 -16.72 -6.08 -22.68
C PHE C 153 -17.18 -6.85 -23.94
N LYS C 154 -18.39 -7.40 -23.90
CA LYS C 154 -18.95 -8.09 -25.06
C LYS C 154 -20.09 -7.30 -25.68
N GLN C 155 -20.20 -7.35 -27.00
CA GLN C 155 -21.26 -6.64 -27.67
C GLN C 155 -22.57 -7.37 -27.32
N HIS C 156 -23.55 -6.66 -26.76
CA HIS C 156 -24.75 -7.35 -26.28
C HIS C 156 -25.90 -7.29 -27.28
N HIS C 157 -26.15 -6.11 -27.84
CA HIS C 157 -27.09 -6.02 -28.97
C HIS C 157 -26.87 -4.74 -29.78
N TYR C 158 -27.49 -4.71 -30.96
CA TYR C 158 -27.44 -3.57 -31.86
C TYR C 158 -28.66 -2.64 -31.70
N LEU C 159 -28.40 -1.35 -31.59
CA LEU C 159 -29.47 -0.37 -31.52
C LEU C 159 -29.59 0.33 -32.87
N PRO C 160 -30.72 0.15 -33.57
CA PRO C 160 -30.79 0.70 -34.93
C PRO C 160 -30.99 2.22 -34.99
N TYR C 161 -30.73 2.81 -36.16
CA TYR C 161 -31.04 4.23 -36.41
C TYR C 161 -32.49 4.55 -36.07
N TYR C 162 -32.70 5.73 -35.54
CA TYR C 162 -34.02 6.20 -35.18
C TYR C 162 -34.18 7.59 -35.77
N TYR C 163 -35.20 7.79 -36.61
CA TYR C 163 -35.42 9.10 -37.19
C TYR C 163 -36.78 9.65 -36.76
N SER C 164 -36.82 10.95 -36.50
CA SER C 164 -38.05 11.62 -36.12
C SER C 164 -37.91 13.10 -36.39
N ILE C 165 -39.02 13.85 -36.40
CA ILE C 165 -38.91 15.28 -36.58
C ILE C 165 -38.14 15.93 -35.42
N ARG C 166 -38.07 15.24 -34.29
CA ARG C 166 -37.38 15.72 -33.08
C ARG C 166 -35.86 15.58 -33.13
N GLY C 167 -35.38 14.74 -34.04
CA GLY C 167 -33.96 14.51 -34.23
C GLY C 167 -33.68 13.07 -34.62
N VAL C 168 -32.40 12.78 -34.83
CA VAL C 168 -31.98 11.46 -35.27
C VAL C 168 -31.12 10.83 -34.20
N LEU C 169 -31.38 9.56 -33.90
CA LEU C 169 -30.46 8.80 -33.08
C LEU C 169 -29.69 7.83 -33.98
N LYS C 170 -28.38 8.00 -34.03
CA LYS C 170 -27.54 7.09 -34.80
C LYS C 170 -27.62 5.69 -34.24
N ASP C 171 -27.22 4.71 -35.03
CA ASP C 171 -27.15 3.37 -34.51
C ASP C 171 -25.93 3.23 -33.59
N GLY C 172 -25.94 2.17 -32.79
CA GLY C 172 -24.88 1.94 -31.84
C GLY C 172 -24.95 0.54 -31.30
N PHE C 173 -24.04 0.26 -30.36
CA PHE C 173 -24.00 -1.03 -29.69
C PHE C 173 -24.18 -0.85 -28.18
N THR C 174 -24.80 -1.84 -27.55
CA THR C 174 -24.76 -2.00 -26.11
C THR C 174 -23.67 -3.01 -25.81
N TYR C 175 -22.69 -2.60 -25.01
CA TYR C 175 -21.61 -3.47 -24.55
C TYR C 175 -21.77 -3.77 -23.07
N VAL C 176 -21.44 -4.98 -22.67
CA VAL C 176 -21.70 -5.39 -21.31
C VAL C 176 -20.54 -6.21 -20.77
N LEU C 177 -20.18 -5.94 -19.51
CA LEU C 177 -19.24 -6.75 -18.78
C LEU C 177 -19.93 -7.28 -17.54
N TYR C 178 -19.97 -8.60 -17.40
CA TYR C 178 -20.57 -9.18 -16.22
C TYR C 178 -19.51 -9.30 -15.15
N ILE C 179 -19.84 -8.95 -13.92
CA ILE C 179 -18.87 -9.01 -12.87
C ILE C 179 -19.47 -9.67 -11.65
N ASN C 180 -18.58 -10.28 -10.85
CA ASN C 180 -18.95 -10.83 -9.56
C ASN C 180 -20.03 -11.90 -9.66
N VAL D 3 23.89 16.52 1.29
CA VAL D 3 22.73 15.67 1.58
C VAL D 3 21.43 16.50 1.65
N PRO D 4 20.48 16.23 0.73
CA PRO D 4 19.21 16.96 0.61
C PRO D 4 18.26 16.80 1.81
N SER D 5 17.57 17.88 2.19
CA SER D 5 16.59 17.86 3.29
C SER D 5 15.50 16.83 3.10
N SER D 6 15.23 16.50 1.83
CA SER D 6 14.20 15.58 1.43
C SER D 6 14.71 14.15 1.26
N ALA D 7 15.94 13.90 1.71
CA ALA D 7 16.63 12.63 1.49
C ALA D 7 15.84 11.38 1.86
N LEU D 8 15.14 11.45 2.99
CA LEU D 8 14.37 10.31 3.49
C LEU D 8 13.39 9.80 2.44
N SER D 9 12.82 10.71 1.66
CA SER D 9 11.84 10.30 0.63
C SER D 9 12.49 9.41 -0.44
N GLU D 10 13.81 9.45 -0.57
CA GLU D 10 14.48 8.64 -1.58
C GLU D 10 15.23 7.44 -0.96
N VAL D 11 14.95 7.18 0.31
CA VAL D 11 15.60 6.08 1.02
C VAL D 11 14.79 4.81 0.86
N SER D 12 15.48 3.71 0.54
CA SER D 12 14.92 2.36 0.48
C SER D 12 15.51 1.42 1.51
N LEU D 13 14.93 0.24 1.63
CA LEU D 13 15.42 -0.79 2.54
C LEU D 13 15.64 -2.12 1.82
N ARG D 14 16.68 -2.83 2.27
CA ARG D 14 16.94 -4.21 1.86
C ARG D 14 17.81 -4.94 2.91
N LEU D 15 17.68 -6.25 2.96
CA LEU D 15 18.54 -7.03 3.84
C LEU D 15 19.98 -6.95 3.41
N LEU D 16 20.87 -7.02 4.39
CA LEU D 16 22.29 -7.22 4.07
C LEU D 16 22.51 -8.59 3.47
N CYS D 17 23.52 -8.71 2.62
CA CYS D 17 23.92 -10.02 2.11
C CYS D 17 25.45 -10.10 2.10
N HIS D 18 25.97 -11.28 1.78
CA HIS D 18 27.42 -11.53 1.86
C HIS D 18 28.26 -10.51 1.04
N ASP D 19 27.72 -10.01 -0.08
CA ASP D 19 28.43 -9.01 -0.89
C ASP D 19 28.65 -7.66 -0.18
N ASP D 20 27.89 -7.41 0.88
CA ASP D 20 27.97 -6.12 1.57
C ASP D 20 29.12 -6.02 2.58
N ILE D 21 29.80 -7.13 2.86
CA ILE D 21 30.76 -7.21 3.98
C ILE D 21 31.79 -6.09 3.97
N ASP D 22 32.39 -5.84 2.81
CA ASP D 22 33.42 -4.79 2.73
C ASP D 22 32.86 -3.42 3.08
N THR D 23 31.66 -3.12 2.58
CA THR D 23 31.02 -1.85 2.87
C THR D 23 30.66 -1.73 4.34
N VAL D 24 30.08 -2.81 4.88
CA VAL D 24 29.68 -2.85 6.28
C VAL D 24 30.89 -2.66 7.21
N LYS D 25 31.98 -3.38 6.92
CA LYS D 25 33.22 -3.19 7.65
C LYS D 25 33.62 -1.72 7.68
N HIS D 26 33.51 -1.10 6.51
CA HIS D 26 33.93 0.29 6.35
C HIS D 26 33.04 1.19 7.20
N LEU D 27 31.73 0.95 7.15
CA LEU D 27 30.77 1.70 7.94
C LEU D 27 30.97 1.50 9.45
N CYS D 28 31.12 0.24 9.85
CA CYS D 28 31.34 -0.09 11.25
C CYS D 28 32.65 0.48 11.74
N GLY D 29 33.63 0.57 10.85
CA GLY D 29 34.92 1.14 11.20
C GLY D 29 34.79 2.60 11.59
N ASP D 30 33.80 3.28 11.03
CA ASP D 30 33.58 4.69 11.30
C ASP D 30 32.81 4.92 12.60
N TRP D 31 31.91 4.01 12.92
CA TRP D 31 31.01 4.22 14.04
C TRP D 31 31.59 3.70 15.35
N PHE D 32 32.38 2.64 15.28
CA PHE D 32 32.83 1.99 16.50
C PHE D 32 34.33 1.74 16.51
N PRO D 33 35.01 2.07 17.63
CA PRO D 33 36.45 1.88 17.83
C PRO D 33 36.79 0.40 17.87
N ILE D 34 35.73 -0.40 17.90
CA ILE D 34 35.85 -1.85 18.04
C ILE D 34 36.15 -2.54 16.72
N GLU D 35 37.23 -3.32 16.67
CA GLU D 35 37.49 -4.05 15.44
C GLU D 35 36.98 -5.47 15.60
N TYR D 36 35.89 -5.78 14.90
CA TYR D 36 35.28 -7.11 14.95
C TYR D 36 35.96 -8.03 13.97
N PRO D 37 35.95 -9.35 14.26
CA PRO D 37 36.60 -10.33 13.38
C PRO D 37 35.81 -10.56 12.08
N ASP D 38 36.47 -11.07 11.05
CA ASP D 38 35.84 -11.29 9.76
C ASP D 38 34.62 -12.19 9.89
N SER D 39 34.68 -13.11 10.84
CA SER D 39 33.60 -14.07 11.04
C SER D 39 32.36 -13.38 11.59
N TRP D 40 32.56 -12.27 12.29
CA TRP D 40 31.46 -11.44 12.78
C TRP D 40 30.71 -10.86 11.59
N TYR D 41 31.48 -10.26 10.69
CA TYR D 41 30.90 -9.64 9.50
C TYR D 41 30.22 -10.67 8.60
N ARG D 42 30.81 -11.84 8.47
CA ARG D 42 30.18 -12.93 7.74
C ARG D 42 28.85 -13.30 8.38
N ASP D 43 28.81 -13.42 9.70
CA ASP D 43 27.59 -13.81 10.39
C ASP D 43 26.41 -12.85 10.20
N ILE D 44 26.61 -11.57 10.47
CA ILE D 44 25.49 -10.63 10.45
C ILE D 44 24.97 -10.37 9.03
N THR D 45 25.77 -10.70 8.03
CA THR D 45 25.30 -10.52 6.66
C THR D 45 24.75 -11.79 6.02
N SER D 46 25.16 -12.95 6.54
CA SER D 46 24.84 -14.21 5.88
C SER D 46 24.02 -15.18 6.72
N ASN D 47 24.04 -15.01 8.04
CA ASN D 47 23.35 -15.94 8.94
C ASN D 47 21.91 -15.51 9.10
N LYS D 48 20.98 -16.46 8.89
CA LYS D 48 19.56 -16.14 8.92
C LYS D 48 19.05 -16.05 10.35
N LYS D 49 19.96 -16.17 11.30
CA LYS D 49 19.61 -15.98 12.70
C LYS D 49 19.43 -14.46 12.93
N PHE D 50 20.01 -13.65 12.05
CA PHE D 50 19.94 -12.20 12.18
C PHE D 50 18.92 -11.55 11.25
N PHE D 51 18.27 -10.52 11.76
CA PHE D 51 17.53 -9.60 10.92
C PHE D 51 18.46 -8.41 10.70
N SER D 52 19.07 -8.36 9.52
CA SER D 52 20.05 -7.32 9.20
C SER D 52 19.53 -6.49 8.06
N LEU D 53 19.09 -5.27 8.39
CA LEU D 53 18.46 -4.39 7.44
C LEU D 53 19.30 -3.15 7.14
N ALA D 54 19.49 -2.86 5.85
CA ALA D 54 20.21 -1.65 5.47
C ALA D 54 19.23 -0.61 4.98
N ALA D 55 19.59 0.65 5.18
CA ALA D 55 18.88 1.72 4.52
C ALA D 55 19.74 2.09 3.34
N THR D 56 19.14 2.23 2.17
CA THR D 56 19.92 2.64 1.01
C THR D 56 19.42 3.95 0.43
N TYR D 57 20.38 4.69 -0.11
CA TYR D 57 20.11 5.95 -0.76
C TYR D 57 20.88 5.92 -2.06
N ARG D 58 20.14 6.00 -3.16
CA ARG D 58 20.72 5.87 -4.49
C ARG D 58 21.53 4.57 -4.59
N GLY D 59 20.97 3.50 -4.04
CA GLY D 59 21.57 2.18 -4.12
C GLY D 59 22.68 1.90 -3.11
N ALA D 60 23.19 2.96 -2.49
CA ALA D 60 24.30 2.86 -1.53
C ALA D 60 23.77 2.76 -0.10
N ILE D 61 24.39 1.89 0.69
CA ILE D 61 24.01 1.73 2.09
C ILE D 61 24.35 2.99 2.89
N VAL D 62 23.34 3.60 3.52
CA VAL D 62 23.61 4.77 4.36
C VAL D 62 23.27 4.52 5.84
N GLY D 63 22.78 3.32 6.15
CA GLY D 63 22.48 2.99 7.53
C GLY D 63 22.19 1.52 7.69
N MET D 64 22.18 1.04 8.92
CA MET D 64 21.83 -0.35 9.17
C MET D 64 21.39 -0.64 10.61
N ILE D 65 20.55 -1.66 10.73
CA ILE D 65 20.22 -2.23 12.02
C ILE D 65 20.43 -3.76 11.93
N VAL D 66 21.11 -4.30 12.92
CA VAL D 66 21.37 -5.74 12.98
C VAL D 66 20.85 -6.23 14.30
N ALA D 67 19.92 -7.16 14.24
CA ALA D 67 19.31 -7.70 15.42
C ALA D 67 19.32 -9.21 15.37
N GLU D 68 19.49 -9.83 16.53
CA GLU D 68 19.40 -11.28 16.61
C GLU D 68 18.16 -11.65 17.38
N ILE D 69 17.31 -12.45 16.74
CA ILE D 69 16.12 -12.96 17.39
C ILE D 69 16.48 -14.27 18.05
N LYS D 70 16.43 -14.30 19.38
CA LYS D 70 16.90 -15.46 20.11
C LYS D 70 15.90 -15.92 21.14
N ASN D 71 15.95 -17.22 21.46
CA ASN D 71 15.14 -17.68 22.57
C ASN D 71 15.72 -17.08 23.86
N ARG D 72 14.93 -17.12 24.93
CA ARG D 72 15.34 -16.52 26.19
C ARG D 72 16.60 -17.16 26.79
N THR D 73 16.90 -18.40 26.39
CA THR D 73 18.05 -19.11 26.94
C THR D 73 19.35 -18.55 26.37
N LYS D 74 19.23 -17.65 25.40
CA LYS D 74 20.39 -17.05 24.77
C LYS D 74 20.57 -15.56 25.16
N ILE D 75 19.76 -15.07 26.09
CA ILE D 75 19.93 -13.71 26.60
C ILE D 75 21.23 -13.63 27.38
N HIS D 76 21.96 -12.54 27.17
CA HIS D 76 23.19 -12.26 27.92
C HIS D 76 23.00 -12.53 29.42
N LYS D 77 23.96 -13.23 30.01
CA LYS D 77 23.86 -13.61 31.40
C LYS D 77 23.78 -12.36 32.29
N GLU D 78 24.47 -11.29 31.92
CA GLU D 78 24.40 -10.09 32.73
C GLU D 78 23.03 -9.40 32.58
N ASP D 79 22.23 -9.84 31.61
CA ASP D 79 20.89 -9.28 31.37
C ASP D 79 19.77 -10.31 31.48
N GLY D 80 20.07 -11.47 32.06
CA GLY D 80 19.12 -12.58 32.15
C GLY D 80 17.76 -12.21 32.68
N ASP D 81 17.72 -11.25 33.59
CA ASP D 81 16.49 -10.86 34.25
C ASP D 81 15.58 -9.91 33.46
N ILE D 82 15.83 -9.70 32.17
CA ILE D 82 14.91 -8.86 31.41
C ILE D 82 13.55 -9.54 31.25
N LEU D 83 13.53 -10.88 31.25
CA LEU D 83 12.25 -11.59 31.19
C LEU D 83 11.86 -12.27 32.49
N ALA D 84 10.68 -11.93 32.99
CA ALA D 84 10.11 -12.56 34.20
C ALA D 84 9.97 -14.07 34.03
N SER D 88 7.21 -18.17 29.50
CA SER D 88 7.17 -19.33 28.61
C SER D 88 8.55 -19.62 28.03
N VAL D 89 8.85 -20.91 27.86
CA VAL D 89 10.16 -21.33 27.38
C VAL D 89 10.51 -20.86 25.96
N ASP D 90 9.56 -20.96 25.03
CA ASP D 90 9.77 -20.54 23.64
C ASP D 90 9.89 -19.02 23.40
N THR D 91 9.62 -18.21 24.44
CA THR D 91 9.64 -16.76 24.29
C THR D 91 10.93 -16.25 23.65
N GLN D 92 10.79 -15.31 22.71
CA GLN D 92 11.93 -14.73 22.02
C GLN D 92 12.11 -13.24 22.34
N VAL D 93 13.34 -12.78 22.22
CA VAL D 93 13.64 -11.36 22.27
C VAL D 93 14.56 -11.01 21.11
N ALA D 94 14.62 -9.73 20.77
CA ALA D 94 15.55 -9.25 19.76
C ALA D 94 16.68 -8.44 20.41
N TYR D 95 17.93 -8.85 20.19
CA TYR D 95 19.07 -8.08 20.65
C TYR D 95 19.61 -7.26 19.48
N ILE D 96 19.69 -5.95 19.66
CA ILE D 96 20.29 -5.09 18.63
C ILE D 96 21.80 -5.12 18.78
N LEU D 97 22.47 -5.78 17.85
CA LEU D 97 23.93 -5.83 17.85
C LEU D 97 24.48 -4.50 17.40
N SER D 98 23.75 -3.86 16.48
CA SER D 98 24.26 -2.71 15.77
C SER D 98 23.14 -1.82 15.19
N LEU D 99 23.28 -0.51 15.37
CA LEU D 99 22.43 0.46 14.68
C LEU D 99 23.29 1.67 14.39
N GLY D 100 23.38 2.04 13.13
CA GLY D 100 24.18 3.17 12.73
C GLY D 100 23.65 3.78 11.46
N VAL D 101 23.89 5.07 11.32
CA VAL D 101 23.52 5.81 10.14
C VAL D 101 24.73 6.65 9.78
N VAL D 102 25.06 6.75 8.49
CA VAL D 102 26.15 7.61 8.05
C VAL D 102 25.97 9.01 8.62
N LYS D 103 27.05 9.58 9.14
CA LYS D 103 26.96 10.83 9.91
C LYS D 103 26.13 11.94 9.21
N GLU D 104 26.43 12.22 7.94
CA GLU D 104 25.75 13.30 7.22
C GLU D 104 24.28 13.02 6.91
N PHE D 105 23.89 11.74 6.96
CA PHE D 105 22.48 11.39 6.75
C PHE D 105 21.68 11.30 8.05
N ARG D 106 22.33 11.54 9.19
CA ARG D 106 21.64 11.46 10.49
C ARG D 106 20.63 12.60 10.64
N LYS D 107 19.67 12.40 11.55
CA LYS D 107 18.58 13.36 11.79
C LYS D 107 17.70 13.60 10.55
N HIS D 108 17.50 12.56 9.77
CA HIS D 108 16.57 12.60 8.64
C HIS D 108 15.52 11.52 8.80
N GLY D 109 15.51 10.83 9.93
CA GLY D 109 14.54 9.79 10.18
C GLY D 109 14.91 8.37 9.78
N ILE D 110 16.13 8.21 9.28
CA ILE D 110 16.62 6.90 8.85
C ILE D 110 16.74 5.96 10.06
N GLY D 111 17.38 6.43 11.13
CA GLY D 111 17.46 5.61 12.34
C GLY D 111 16.09 5.14 12.82
N SER D 112 15.12 6.05 12.88
CA SER D 112 13.77 5.73 13.28
C SER D 112 13.10 4.70 12.36
N LEU D 113 13.33 4.84 11.05
CA LEU D 113 12.73 3.91 10.08
C LEU D 113 13.28 2.48 10.29
N LEU D 114 14.58 2.37 10.50
CA LEU D 114 15.21 1.06 10.72
C LEU D 114 14.65 0.40 11.97
N LEU D 115 14.56 1.14 13.06
CA LEU D 115 14.04 0.61 14.31
C LEU D 115 12.57 0.21 14.18
N GLU D 116 11.76 1.11 13.61
CA GLU D 116 10.34 0.83 13.42
C GLU D 116 10.14 -0.39 12.53
N SER D 117 10.98 -0.53 11.51
CA SER D 117 10.83 -1.67 10.60
C SER D 117 11.17 -2.98 11.34
N LEU D 118 12.22 -2.95 12.16
CA LEU D 118 12.59 -4.14 12.97
C LEU D 118 11.44 -4.51 13.89
N LYS D 119 10.86 -3.48 14.50
CA LYS D 119 9.83 -3.67 15.51
C LYS D 119 8.53 -4.22 14.87
N ASP D 120 8.17 -3.71 13.70
CA ASP D 120 6.99 -4.24 13.02
C ASP D 120 7.25 -5.67 12.54
N HIS D 121 8.45 -5.94 12.04
CA HIS D 121 8.79 -7.30 11.62
C HIS D 121 8.62 -8.33 12.73
N ILE D 122 9.04 -7.99 13.94
CA ILE D 122 9.04 -8.98 15.00
C ILE D 122 7.73 -8.94 15.78
N SER D 123 6.77 -8.16 15.30
CA SER D 123 5.46 -8.10 15.95
C SER D 123 4.37 -8.67 15.06
N THR D 124 4.70 -8.96 13.80
CA THR D 124 3.68 -9.37 12.85
C THR D 124 3.96 -10.73 12.21
N THR D 125 5.22 -11.13 12.17
CA THR D 125 5.53 -12.44 11.61
C THR D 125 5.71 -13.42 12.77
N ALA D 126 5.18 -14.63 12.61
CA ALA D 126 5.09 -15.61 13.69
C ALA D 126 6.45 -16.15 14.13
N GLN D 127 7.30 -16.51 13.16
CA GLN D 127 8.55 -17.16 13.52
C GLN D 127 9.50 -16.19 14.21
N ASP D 128 9.45 -14.92 13.81
CA ASP D 128 10.34 -13.92 14.40
C ASP D 128 9.67 -13.11 15.52
N HIS D 129 8.55 -13.61 16.04
CA HIS D 129 7.81 -12.90 17.08
C HIS D 129 8.59 -12.77 18.40
N CYS D 130 8.64 -11.54 18.93
CA CYS D 130 9.43 -11.24 20.12
C CYS D 130 8.60 -10.53 21.19
N LYS D 131 9.03 -10.67 22.45
CA LYS D 131 8.40 -10.00 23.58
C LYS D 131 9.27 -8.84 24.13
N ALA D 132 10.48 -8.69 23.64
CA ALA D 132 11.32 -7.55 24.04
C ALA D 132 12.37 -7.21 22.99
N ILE D 133 12.80 -5.97 22.98
CA ILE D 133 14.00 -5.58 22.25
C ILE D 133 15.02 -5.08 23.29
N TYR D 134 16.25 -5.56 23.23
CA TYR D 134 17.22 -4.98 24.16
C TYR D 134 18.55 -4.69 23.45
N LEU D 135 19.38 -3.88 24.11
CA LEU D 135 20.63 -3.40 23.52
C LEU D 135 21.56 -2.87 24.57
N HIS D 136 22.82 -2.68 24.20
CA HIS D 136 23.83 -2.08 25.06
C HIS D 136 24.33 -0.78 24.46
N VAL D 137 24.61 0.20 25.32
CA VAL D 137 25.05 1.51 24.86
C VAL D 137 26.07 2.04 25.88
N LEU D 138 27.11 2.68 25.37
CA LEU D 138 28.10 3.32 26.25
C LEU D 138 27.43 4.40 27.04
N THR D 139 27.85 4.61 28.29
CA THR D 139 27.24 5.64 29.12
C THR D 139 27.47 7.03 28.54
N THR D 140 28.47 7.17 27.69
CA THR D 140 28.80 8.47 27.11
C THR D 140 28.08 8.77 25.80
N ASN D 141 27.34 7.79 25.28
CA ASN D 141 26.68 7.99 23.97
C ASN D 141 25.35 8.70 24.13
N ASN D 142 25.40 10.00 24.41
CA ASN D 142 24.17 10.77 24.71
C ASN D 142 23.18 10.79 23.54
N THR D 143 23.71 10.88 22.34
CA THR D 143 22.88 10.89 21.13
C THR D 143 22.07 9.62 21.05
N ALA D 144 22.70 8.46 21.24
CA ALA D 144 21.98 7.19 21.15
C ALA D 144 21.06 7.00 22.33
N ILE D 145 21.52 7.38 23.52
CA ILE D 145 20.67 7.25 24.70
C ILE D 145 19.38 8.08 24.51
N ASN D 146 19.50 9.33 24.06
CA ASN D 146 18.33 10.18 23.83
C ASN D 146 17.40 9.61 22.76
N PHE D 147 17.99 9.11 21.68
CA PHE D 147 17.24 8.46 20.61
C PHE D 147 16.38 7.32 21.15
N TYR D 148 17.03 6.41 21.88
CA TYR D 148 16.32 5.26 22.43
C TYR D 148 15.30 5.61 23.51
N GLU D 149 15.67 6.53 24.40
CA GLU D 149 14.75 6.93 25.46
C GLU D 149 13.52 7.65 24.86
N ASN D 150 13.71 8.43 23.80
CA ASN D 150 12.57 9.07 23.12
C ASN D 150 11.70 8.05 22.42
N ARG D 151 12.20 6.83 22.29
CA ARG D 151 11.44 5.77 21.66
C ARG D 151 11.04 4.69 22.67
N ASP D 152 10.94 5.11 23.94
CA ASP D 152 10.40 4.32 25.06
C ASP D 152 11.22 3.13 25.52
N PHE D 153 12.48 3.07 25.14
CA PHE D 153 13.38 2.11 25.76
C PHE D 153 13.69 2.57 27.19
N LYS D 154 13.76 1.61 28.12
CA LYS D 154 14.07 1.94 29.52
C LYS D 154 15.46 1.42 29.87
N GLN D 155 16.17 2.17 30.68
CA GLN D 155 17.48 1.74 31.13
C GLN D 155 17.21 0.58 32.09
N HIS D 156 17.79 -0.58 31.80
CA HIS D 156 17.53 -1.77 32.59
C HIS D 156 18.60 -2.07 33.63
N HIS D 157 19.85 -1.89 33.21
CA HIS D 157 21.06 -2.15 34.02
C HIS D 157 22.15 -1.17 33.72
N TYR D 158 22.99 -0.96 34.74
CA TYR D 158 24.29 -0.37 34.57
C TYR D 158 25.29 -1.51 34.60
N LEU D 159 26.16 -1.57 33.60
CA LEU D 159 27.24 -2.55 33.55
C LEU D 159 28.53 -1.83 33.92
N PRO D 160 29.16 -2.21 35.04
CA PRO D 160 30.33 -1.44 35.49
C PRO D 160 31.56 -1.66 34.64
N TYR D 161 32.55 -0.78 34.79
CA TYR D 161 33.86 -0.98 34.19
C TYR D 161 34.46 -2.32 34.59
N TYR D 162 35.15 -2.95 33.64
CA TYR D 162 35.81 -4.22 33.89
C TYR D 162 37.25 -4.10 33.43
N TYR D 163 38.19 -4.36 34.34
CA TYR D 163 39.59 -4.29 33.97
C TYR D 163 40.26 -5.65 34.10
N SER D 164 41.11 -5.96 33.15
CA SER D 164 41.83 -7.23 33.17
C SER D 164 43.05 -7.11 32.32
N ILE D 165 43.98 -8.05 32.46
CA ILE D 165 45.17 -7.99 31.62
C ILE D 165 44.83 -8.17 30.14
N ARG D 166 43.67 -8.76 29.86
CA ARG D 166 43.20 -9.02 28.50
C ARG D 166 42.61 -7.78 27.84
N GLY D 167 42.28 -6.79 28.66
CA GLY D 167 41.74 -5.55 28.16
C GLY D 167 40.71 -4.93 29.09
N VAL D 168 40.16 -3.80 28.69
CA VAL D 168 39.20 -3.08 29.51
C VAL D 168 37.83 -3.03 28.83
N LEU D 169 36.78 -3.34 29.58
CA LEU D 169 35.42 -3.09 29.12
C LEU D 169 34.91 -1.86 29.86
N LYS D 170 34.56 -0.84 29.09
CA LYS D 170 33.99 0.38 29.62
C LYS D 170 32.65 0.11 30.25
N ASP D 171 32.18 1.02 31.11
CA ASP D 171 30.86 0.85 31.64
C ASP D 171 29.84 1.20 30.55
N GLY D 172 28.59 0.79 30.76
CA GLY D 172 27.55 0.99 29.78
C GLY D 172 26.19 0.72 30.35
N PHE D 173 25.16 0.85 29.51
CA PHE D 173 23.80 0.56 29.92
C PHE D 173 23.16 -0.56 29.09
N THR D 174 22.30 -1.33 29.73
CA THR D 174 21.38 -2.19 29.03
C THR D 174 20.06 -1.47 28.93
N TYR D 175 19.58 -1.26 27.71
CA TYR D 175 18.28 -0.67 27.49
C TYR D 175 17.31 -1.71 26.95
N VAL D 176 16.04 -1.60 27.34
CA VAL D 176 15.06 -2.61 26.99
C VAL D 176 13.74 -1.96 26.62
N LEU D 177 13.11 -2.48 25.56
CA LEU D 177 11.75 -2.11 25.19
C LEU D 177 10.89 -3.35 25.19
N TYR D 178 9.83 -3.35 25.99
CA TYR D 178 8.93 -4.50 26.04
C TYR D 178 7.84 -4.35 24.99
N ILE D 179 7.58 -5.43 24.25
CA ILE D 179 6.59 -5.39 23.18
C ILE D 179 5.69 -6.61 23.22
N ASN D 180 4.49 -6.44 22.69
CA ASN D 180 3.55 -7.55 22.49
C ASN D 180 3.24 -8.29 23.80
N GLY D 181 3.17 -7.56 24.91
CA GLY D 181 2.89 -8.16 26.20
C GLY D 181 4.12 -8.51 27.05
N1A COA E . 14.01 -34.51 -7.74
C2A COA E . 14.40 -33.86 -6.61
N3A COA E . 14.35 -32.50 -6.59
C4A COA E . 13.93 -31.81 -7.67
C5A COA E . 13.53 -32.47 -8.85
C6A COA E . 13.60 -33.87 -8.83
N6A COA E . 13.21 -34.64 -10.01
N7A COA E . 13.18 -31.52 -9.73
C8A COA E . 13.32 -30.33 -9.18
N9A COA E . 13.79 -30.47 -7.94
C1B COA E . 14.10 -29.46 -6.96
C2B COA E . 14.73 -28.26 -7.55
O2B COA E . 15.97 -28.54 -8.05
C3B COA E . 14.74 -27.54 -6.28
O3B COA E . 15.20 -26.24 -6.34
P3B COA E . 16.71 -25.85 -6.15
O7A COA E . 17.42 -26.68 -5.10
O8A COA E . 16.64 -24.41 -5.73
O9A COA E . 17.44 -25.93 -7.47
C4B COA E . 13.29 -27.65 -5.93
O4B COA E . 12.99 -28.99 -6.28
C5B COA E . 12.28 -26.67 -6.50
O5B COA E . 12.25 -26.57 -7.91
P1A COA E . 10.92 -26.86 -8.75
O1A COA E . 11.30 -26.48 -10.21
O2A COA E . 10.51 -28.32 -8.61
O3A COA E . 9.74 -25.90 -8.33
P2A COA E . 8.34 -26.35 -7.79
O4A COA E . 8.46 -27.20 -6.47
O5A COA E . 7.58 -27.14 -8.85
O6A COA E . 7.64 -24.98 -7.45
CBP COA E . 7.24 -23.13 -5.98
CCP COA E . 8.30 -24.04 -6.64
CDP COA E . 6.38 -22.43 -7.01
CEP COA E . 7.94 -22.09 -5.17
CAP COA E . 6.28 -24.07 -5.03
OAP COA E . 6.87 -24.56 -3.78
C9P COA E . 4.78 -23.56 -4.73
O9P COA E . 3.85 -23.78 -5.53
N8P COA E . 4.58 -22.81 -3.50
C7P COA E . 3.25 -22.31 -3.13
C6P COA E . 2.95 -21.06 -3.97
C5P COA E . 3.94 -19.97 -3.66
O5P COA E . 4.50 -19.90 -2.58
N4P COA E . 4.24 -18.98 -4.69
C3P COA E . 5.16 -17.93 -4.49
C2P COA E . 5.08 -17.02 -5.67
S1P COA E . 3.44 -16.34 -5.85
CL CL F . 4.82 -15.15 -0.89
N1A COA G . -27.75 18.06 19.23
C2A COA G . -27.93 17.60 17.97
N3A COA G . -26.86 17.44 17.16
C4A COA G . -25.62 17.74 17.59
C5A COA G . -25.41 18.22 18.90
C6A COA G . -26.53 18.38 19.71
N6A COA G . -26.38 18.87 21.08
N7A COA G . -24.09 18.40 19.03
C8A COA G . -23.48 18.07 17.89
N9A COA G . -24.39 17.67 17.01
C1B COA G . -24.21 17.20 15.67
C2B COA G . -23.23 17.92 14.83
O2B COA G . -23.66 19.19 14.56
C3B COA G . -23.45 16.99 13.72
O3B COA G . -22.74 17.19 12.56
P3B COA G . -23.02 18.33 11.51
O7A COA G . -24.42 18.32 10.91
O8A COA G . -22.69 19.68 12.13
O9A COA G . -22.01 18.03 10.44
C4B COA G . -23.19 15.68 14.40
O4B COA G . -23.80 15.88 15.65
C5B COA G . -21.77 15.11 14.56
O5B COA G . -20.89 15.99 15.25
P1A COA G . -20.17 15.63 16.63
O1A COA G . -19.27 16.86 16.95
O2A COA G . -21.20 15.38 17.74
O3A COA G . -19.21 14.40 16.38
P2A COA G . -19.28 12.98 17.02
O4A COA G . -20.62 12.24 16.77
O5A COA G . -19.09 13.16 18.56
O6A COA G . -18.09 12.20 16.34
CBP COA G . -17.36 10.81 14.52
CCP COA G . -18.09 12.07 14.94
CDP COA G . -15.98 10.72 15.17
CEP COA G . -17.22 10.80 13.03
CAP COA G . -18.29 9.54 14.98
OAP COA G . -19.55 9.36 14.22
C9P COA G . -17.52 8.13 15.23
O9P COA G . -16.96 7.90 16.30
N8P COA G . -17.52 7.16 14.14
C7P COA G . -16.84 5.86 14.32
C6P COA G . -15.32 6.00 14.21
C5P COA G . -14.93 6.42 12.81
O5P COA G . -15.66 6.24 11.86
N4P COA G . -13.63 7.03 12.62
C3P COA G . -13.17 7.45 11.33
C2P COA G . -12.43 8.71 11.51
S1P COA G . -13.68 9.93 11.81
CL CL H . -13.15 5.11 7.67
N1A COA I . 2.36 3.66 -24.38
C2A COA I . 1.73 3.23 -25.50
N3A COA I . 0.48 2.71 -25.41
C4A COA I . -0.15 2.60 -24.20
C5A COA I . 0.49 3.03 -23.04
C6A COA I . 1.76 3.57 -23.17
N6A COA I . 2.49 4.04 -21.98
N7A COA I . -0.36 2.80 -22.03
C8A COA I . -1.47 2.27 -22.48
N9A COA I . -1.36 2.11 -23.80
C1B COA I . -2.35 1.59 -24.71
C2B COA I . -3.32 0.63 -24.13
O2B COA I . -2.77 -0.56 -23.76
C3B COA I . -4.03 0.56 -25.41
O3B COA I . -5.12 -0.26 -25.50
P3B COA I . -5.08 -1.82 -25.73
O7A COA I . -6.56 -2.20 -25.85
O8A COA I . -4.52 -2.49 -24.51
O9A COA I . -4.36 -2.29 -26.96
C4B COA I . -4.34 2.03 -25.60
O4B COA I . -3.12 2.62 -25.26
C5B COA I . -5.52 2.69 -24.87
O5B COA I . -5.49 2.48 -23.48
P1A COA I . -5.49 3.70 -22.46
O1A COA I . -5.62 3.09 -21.04
O2A COA I . -4.23 4.56 -22.67
O3A COA I . -6.82 4.48 -22.76
P2A COA I . -6.99 6.01 -23.11
O4A COA I . -6.30 6.39 -24.45
O5A COA I . -6.42 6.81 -21.90
O6A COA I . -8.55 6.23 -23.19
CBP COA I . -10.58 6.22 -24.45
CCP COA I . -9.34 5.41 -24.00
CDP COA I . -11.32 6.80 -23.25
CEP COA I . -11.56 5.38 -25.21
CAP COA I . -10.05 7.41 -25.44
OAP COA I . -9.52 6.95 -26.75
C9P COA I . -11.05 8.66 -25.60
O9P COA I . -11.07 9.54 -24.72
N8P COA I . -11.94 8.75 -26.75
C7P COA I . -12.85 9.90 -26.89
C6P COA I . -14.16 9.73 -26.08
C5P COA I . -14.78 8.38 -26.29
O5P COA I . -14.74 7.88 -27.39
N4P COA I . -15.44 7.71 -25.17
C3P COA I . -16.03 6.41 -25.17
C2P COA I . -17.21 6.24 -26.04
S1P COA I . -18.32 7.58 -25.74
CL CL J . -19.26 6.65 -28.99
N1A COA K . 14.65 17.22 10.40
C2A COA K . 15.12 17.41 11.66
N3A COA K . 15.13 16.36 12.53
C4A COA K . 14.68 15.14 12.17
C5A COA K . 14.19 14.93 10.87
C6A COA K . 14.20 16.03 9.99
N6A COA K . 13.71 15.91 8.62
N7A COA K . 13.82 13.65 10.80
C8A COA K . 14.04 13.05 11.97
N9A COA K . 14.57 13.93 12.83
C1B COA K . 14.99 13.77 14.19
C2B COA K . 14.32 12.80 15.09
O2B COA K . 13.01 13.07 15.36
C3B COA K . 15.23 13.16 16.18
O3B COA K . 15.11 12.56 17.42
P3B COA K . 13.94 12.68 18.45
O7A COA K . 12.63 12.20 17.81
O8A COA K . 14.36 11.70 19.52
O9A COA K . 13.77 14.03 19.06
C4B COA K . 16.53 12.83 15.52
O4B COA K . 16.35 13.42 14.26
C5B COA K . 17.00 11.37 15.43
O5B COA K . 16.15 10.51 14.68
P1A COA K . 16.60 9.72 13.39
O1A COA K . 15.41 8.80 13.05
O2A COA K . 16.94 10.67 12.23
O3A COA K . 17.85 8.87 13.79
P2A COA K . 19.24 8.86 13.05
O4A COA K . 19.97 10.22 13.18
O5A COA K . 18.98 8.53 11.57
O6A COA K . 20.06 7.68 13.74
CBP COA K . 21.41 6.88 15.52
CCP COA K . 20.11 7.57 15.15
CDP COA K . 21.50 5.52 14.82
CEP COA K . 21.55 6.71 17.00
CAP COA K . 22.63 7.83 15.04
OAP COA K . 22.78 9.07 15.83
C9P COA K . 24.07 7.12 14.84
O9P COA K . 24.35 6.52 13.80
N8P COA K . 25.01 7.22 15.94
C7P COA K . 26.33 6.60 15.82
C6P COA K . 26.22 5.07 15.86
C5P COA K . 25.80 4.62 17.23
O5P COA K . 25.89 5.38 18.16
N4P COA K . 25.31 3.27 17.46
C3P COA K . 24.93 2.87 18.78
C2P COA K . 23.48 3.15 18.89
S1P COA K . 22.64 1.63 18.58
CL CL L . 27.34 2.97 22.20
#